data_8TCH
#
_entry.id   8TCH
#
_cell.length_a   115.408
_cell.length_b   115.408
_cell.length_c   310.687
_cell.angle_alpha   90.00
_cell.angle_beta   90.00
_cell.angle_gamma   120.00
#
_symmetry.space_group_name_H-M   'H 3'
#
loop_
_entity.id
_entity.type
_entity.pdbx_description
1 polymer 'Pathogenicity island protein'
2 water water
#
_entity_poly.entity_id   1
_entity_poly.type   'polypeptide(L)'
_entity_poly.pdbx_seq_one_letter_code
;MHHHHHHGRGSMETGKSDVLDKIEKINKKDSALQEIIPKGYEIEHHQCGIALNQLIPSKKEGEPDKKVFITSTIPQITER
FEDIESNEVSFNMLFYDNKTPVNIAVSAEEISDSRQLLKLVNKKLDVTSSTSTKLVDYINASKRYNPPLNVKVATRLGHV
KGYFIYPYQEVMKDSNVKLFSNDKGFQKLIDSFRSKGTLQGYSKKVFAQIKDLPMVMVMLYASLGSVLLREFGLQPFIVE
ISGSTSTGKTFTLNLVSSVWGTSDLITTWSSTQNSIESMASFLNSFPMFKDDTRNTHPKFVTSATYNFSSGESKSRSNIN
LTLNAKKEWRNILISTGESSIANMADEKAGVSARVVTLQDPPYPDNFDFTTLDKSFRENYGTLGLAFIKQYESKKDVYKN
AFESYQRYFNQKGSNEIMQRLGRAFALLQVTGEVLNDIDGFEHDHFKIIEQAYDSMVKNNKTIDKPKQLLEELLQYLDAN
RNNIAGDGYSSVKNGDIKAIYKRDYLCILGETVKEKLTHELQTITGQWDKKGYLIKGEKDRLQKQVKHQTVKYRGFAIKQ
EVLKELGFDFSNSYNPNSNY
;
_entity_poly.pdbx_strand_id   A,B
#
# COMPACT_ATOMS: atom_id res chain seq x y z
N GLN A 34 -16.40 35.97 -28.21
CA GLN A 34 -17.10 34.86 -28.85
C GLN A 34 -16.33 34.33 -30.05
N GLU A 35 -16.53 33.05 -30.36
CA GLU A 35 -15.83 32.41 -31.46
C GLU A 35 -16.74 32.37 -32.70
N ILE A 36 -16.08 32.19 -33.85
CA ILE A 36 -16.79 32.20 -35.13
C ILE A 36 -17.41 30.83 -35.39
N ILE A 37 -18.39 30.82 -36.28
CA ILE A 37 -19.07 29.62 -36.75
C ILE A 37 -18.56 29.33 -38.16
N PRO A 38 -18.11 28.12 -38.46
CA PRO A 38 -17.55 27.85 -39.79
C PRO A 38 -18.60 28.09 -40.88
N LYS A 39 -18.15 28.61 -42.01
CA LYS A 39 -18.99 28.69 -43.20
C LYS A 39 -19.69 27.37 -43.44
N GLY A 40 -21.01 27.45 -43.62
CA GLY A 40 -21.82 26.29 -43.94
C GLY A 40 -22.69 25.82 -42.81
N TYR A 41 -22.49 26.32 -41.60
CA TYR A 41 -23.22 25.87 -40.43
C TYR A 41 -24.07 26.99 -39.87
N GLU A 42 -25.21 26.60 -39.31
CA GLU A 42 -26.17 27.51 -38.69
C GLU A 42 -26.34 27.10 -37.23
N ILE A 43 -26.72 28.06 -36.40
CA ILE A 43 -26.96 27.81 -34.98
C ILE A 43 -28.30 28.40 -34.61
N GLU A 44 -29.26 27.53 -34.30
CA GLU A 44 -30.61 27.92 -33.93
C GLU A 44 -30.73 27.99 -32.41
N HIS A 45 -31.65 28.81 -31.94
CA HIS A 45 -31.90 29.04 -30.52
C HIS A 45 -33.40 28.92 -30.29
N HIS A 46 -33.87 27.70 -30.07
CA HIS A 46 -35.27 27.43 -29.85
C HIS A 46 -35.51 27.03 -28.39
N GLN A 47 -36.78 26.83 -28.05
CA GLN A 47 -37.13 26.39 -26.71
C GLN A 47 -36.48 25.05 -26.40
N CYS A 48 -36.46 24.13 -27.38
CA CYS A 48 -35.81 22.84 -27.19
C CYS A 48 -34.33 22.98 -26.85
N GLY A 49 -33.73 24.13 -27.14
CA GLY A 49 -32.32 24.34 -26.89
C GLY A 49 -31.56 24.62 -28.18
N ILE A 50 -30.28 24.96 -28.01
CA ILE A 50 -29.44 25.32 -29.14
C ILE A 50 -29.40 24.16 -30.13
N ALA A 51 -29.09 24.48 -31.38
CA ALA A 51 -29.05 23.44 -32.41
C ALA A 51 -28.09 23.83 -33.51
N LEU A 52 -27.06 23.01 -33.74
CA LEU A 52 -26.16 23.20 -34.86
C LEU A 52 -26.74 22.47 -36.07
N ASN A 53 -27.14 23.23 -37.08
CA ASN A 53 -27.63 22.67 -38.33
C ASN A 53 -26.57 22.83 -39.42
N GLN A 54 -26.53 21.88 -40.34
CA GLN A 54 -25.72 22.02 -41.54
C GLN A 54 -26.56 22.71 -42.62
N LEU A 55 -25.92 23.60 -43.37
CA LEU A 55 -26.58 24.34 -44.44
C LEU A 55 -26.24 23.69 -45.78
N ILE A 56 -27.25 23.09 -46.40
CA ILE A 56 -27.17 22.48 -47.72
C ILE A 56 -27.98 23.35 -48.68
N PRO A 57 -27.34 24.03 -49.65
CA PRO A 57 -28.10 24.89 -50.57
C PRO A 57 -29.17 24.13 -51.33
N SER A 58 -29.89 24.82 -52.20
CA SER A 58 -30.98 24.22 -52.96
C SER A 58 -30.82 24.50 -54.46
N ASP A 65 -31.94 27.42 -48.67
CA ASP A 65 -31.06 26.39 -48.13
C ASP A 65 -31.80 25.49 -47.15
N LYS A 66 -31.58 24.19 -47.25
CA LYS A 66 -32.21 23.23 -46.37
C LYS A 66 -31.34 23.01 -45.13
N LYS A 67 -32.01 22.77 -44.01
CA LYS A 67 -31.35 22.67 -42.71
C LYS A 67 -31.39 21.23 -42.25
N VAL A 68 -30.24 20.73 -41.79
CA VAL A 68 -30.09 19.33 -41.39
C VAL A 68 -29.44 19.33 -40.01
N PHE A 69 -30.18 18.87 -39.01
CA PHE A 69 -29.70 18.91 -37.64
C PHE A 69 -28.44 18.06 -37.47
N ILE A 70 -27.48 18.60 -36.75
CA ILE A 70 -26.24 17.90 -36.42
C ILE A 70 -26.21 17.51 -34.94
N THR A 71 -26.42 18.48 -34.05
CA THR A 71 -26.29 18.20 -32.63
C THR A 71 -26.88 19.35 -31.83
N SER A 72 -27.28 19.03 -30.60
CA SER A 72 -27.60 20.02 -29.58
C SER A 72 -26.43 20.28 -28.66
N THR A 73 -25.27 19.69 -28.95
CA THR A 73 -24.08 19.73 -28.10
C THR A 73 -22.92 20.22 -28.95
N ILE A 74 -22.78 21.53 -29.05
CA ILE A 74 -21.81 22.16 -29.95
C ILE A 74 -20.40 21.96 -29.41
N PRO A 75 -19.56 21.16 -30.06
CA PRO A 75 -18.20 20.95 -29.53
C PRO A 75 -17.29 22.14 -29.81
N GLN A 76 -16.51 22.51 -28.81
CA GLN A 76 -15.57 23.61 -28.86
C GLN A 76 -14.23 23.06 -28.38
N ILE A 77 -13.27 22.93 -29.30
CA ILE A 77 -11.99 22.33 -28.97
C ILE A 77 -11.07 23.43 -28.47
N THR A 78 -10.80 23.42 -27.16
CA THR A 78 -10.16 24.59 -26.56
C THR A 78 -8.64 24.49 -26.58
N GLU A 79 -8.08 23.32 -26.27
CA GLU A 79 -6.64 23.16 -26.23
C GLU A 79 -6.22 21.86 -26.91
N ARG A 80 -4.99 21.86 -27.41
CA ARG A 80 -4.31 20.67 -27.89
C ARG A 80 -3.05 20.49 -27.07
N PHE A 81 -2.82 19.27 -26.59
CA PHE A 81 -1.70 18.95 -25.72
C PHE A 81 -0.69 18.07 -26.45
N GLU A 82 0.57 18.46 -26.42
CA GLU A 82 1.63 17.70 -27.07
C GLU A 82 2.58 17.15 -26.01
N ASP A 83 2.47 15.85 -25.73
CA ASP A 83 3.44 15.16 -24.89
C ASP A 83 4.83 15.30 -25.51
N ILE A 84 5.71 16.07 -24.88
CA ILE A 84 7.03 16.30 -25.43
C ILE A 84 7.87 15.04 -25.48
N GLU A 85 7.46 13.97 -24.79
CA GLU A 85 8.11 12.68 -24.96
C GLU A 85 7.59 11.99 -26.22
N SER A 86 6.27 11.84 -26.31
CA SER A 86 5.69 11.11 -27.43
C SER A 86 5.67 11.93 -28.71
N ASN A 87 5.53 13.25 -28.59
CA ASN A 87 5.27 14.17 -29.70
C ASN A 87 3.90 13.93 -30.32
N GLU A 88 3.10 13.03 -29.77
CA GLU A 88 1.71 12.85 -30.18
C GLU A 88 0.84 13.88 -29.46
N VAL A 89 -0.42 13.96 -29.87
CA VAL A 89 -1.28 15.08 -29.46
C VAL A 89 -2.64 14.59 -29.00
N SER A 90 -3.24 15.39 -28.11
CA SER A 90 -4.60 15.16 -27.61
C SER A 90 -5.29 16.52 -27.47
N PHE A 91 -6.54 16.50 -27.02
CA PHE A 91 -7.34 17.71 -26.99
C PHE A 91 -8.25 17.74 -25.78
N ASN A 92 -8.78 18.92 -25.48
CA ASN A 92 -9.90 19.10 -24.58
C ASN A 92 -11.11 19.59 -25.37
N MET A 93 -12.22 18.85 -25.26
CA MET A 93 -13.47 19.24 -25.86
C MET A 93 -14.35 19.87 -24.78
N LEU A 94 -14.90 21.04 -25.08
CA LEU A 94 -15.81 21.75 -24.20
C LEU A 94 -17.16 21.86 -24.90
N PHE A 95 -18.22 21.49 -24.20
CA PHE A 95 -19.56 21.70 -24.73
C PHE A 95 -20.52 21.87 -23.56
N TYR A 96 -21.69 22.40 -23.86
CA TYR A 96 -22.68 22.68 -22.81
C TYR A 96 -23.80 21.67 -22.88
N ASP A 97 -24.03 20.99 -21.76
CA ASP A 97 -25.12 20.04 -21.61
C ASP A 97 -26.33 20.74 -20.99
N ASN A 98 -26.78 21.78 -21.69
CA ASN A 98 -27.93 22.58 -21.27
C ASN A 98 -27.64 23.24 -19.92
N LYS A 99 -26.79 24.27 -19.99
CA LYS A 99 -26.43 25.18 -18.90
C LYS A 99 -25.20 24.70 -18.13
N THR A 100 -24.74 23.47 -18.34
CA THR A 100 -23.62 22.93 -17.59
C THR A 100 -22.42 22.74 -18.51
N PRO A 101 -21.31 23.45 -18.32
CA PRO A 101 -20.12 23.17 -19.13
C PRO A 101 -19.61 21.76 -18.86
N VAL A 102 -19.06 21.16 -19.91
CA VAL A 102 -18.55 19.80 -19.86
C VAL A 102 -17.22 19.83 -20.61
N ASN A 103 -16.12 19.69 -19.88
CA ASN A 103 -14.79 19.56 -20.46
C ASN A 103 -14.35 18.12 -20.34
N ILE A 104 -13.97 17.51 -21.46
CA ILE A 104 -13.55 16.11 -21.49
C ILE A 104 -12.27 15.99 -22.30
N ALA A 105 -11.31 15.25 -21.76
CA ALA A 105 -10.07 14.95 -22.46
C ALA A 105 -10.33 13.90 -23.54
N VAL A 106 -9.82 14.15 -24.75
CA VAL A 106 -10.13 13.31 -25.90
C VAL A 106 -8.87 13.13 -26.73
N SER A 107 -8.71 11.94 -27.28
CA SER A 107 -7.60 11.70 -28.20
C SER A 107 -7.89 12.33 -29.55
N ALA A 108 -6.87 12.37 -30.40
CA ALA A 108 -7.05 12.90 -31.75
C ALA A 108 -8.02 12.03 -32.56
N GLU A 109 -7.88 10.71 -32.45
CA GLU A 109 -8.74 9.81 -33.19
C GLU A 109 -10.20 10.00 -32.79
N GLU A 110 -10.48 10.07 -31.50
CA GLU A 110 -11.85 10.24 -31.03
C GLU A 110 -12.51 11.44 -31.71
N ILE A 111 -11.74 12.51 -31.90
CA ILE A 111 -12.29 13.72 -32.49
C ILE A 111 -12.36 13.62 -34.00
N SER A 112 -11.48 12.84 -34.63
CA SER A 112 -11.36 12.84 -36.08
C SER A 112 -11.84 11.54 -36.74
N ASP A 113 -12.44 10.63 -35.98
CA ASP A 113 -12.93 9.36 -36.52
C ASP A 113 -14.35 9.15 -36.04
N SER A 114 -15.30 9.11 -36.99
CA SER A 114 -16.71 9.09 -36.63
C SER A 114 -17.04 7.93 -35.72
N ARG A 115 -16.58 6.73 -36.06
CA ARG A 115 -16.91 5.54 -35.28
C ARG A 115 -16.40 5.66 -33.86
N GLN A 116 -15.28 6.36 -33.66
CA GLN A 116 -14.75 6.57 -32.31
C GLN A 116 -15.40 7.77 -31.64
N LEU A 117 -15.59 8.88 -32.39
CA LEU A 117 -16.34 10.01 -31.85
C LEU A 117 -17.65 9.55 -31.23
N LEU A 118 -18.31 8.60 -31.88
CA LEU A 118 -19.58 8.07 -31.38
C LEU A 118 -19.48 7.55 -29.96
N LYS A 119 -18.29 7.19 -29.50
CA LYS A 119 -18.16 6.60 -28.16
C LYS A 119 -18.34 7.63 -27.05
N LEU A 120 -18.25 8.93 -27.35
CA LEU A 120 -18.43 9.95 -26.34
C LEU A 120 -19.89 10.19 -25.97
N VAL A 121 -20.83 9.46 -26.58
CA VAL A 121 -22.22 9.60 -26.16
C VAL A 121 -22.35 9.30 -24.68
N ASN A 122 -21.49 8.42 -24.15
CA ASN A 122 -21.52 8.09 -22.73
C ASN A 122 -21.16 9.28 -21.86
N LYS A 123 -20.55 10.33 -22.43
CA LYS A 123 -20.14 11.50 -21.67
C LYS A 123 -20.97 12.73 -22.01
N LYS A 124 -22.21 12.51 -22.46
CA LYS A 124 -23.20 13.56 -22.65
C LYS A 124 -23.08 14.26 -24.00
N LEU A 125 -22.34 13.69 -24.95
CA LEU A 125 -22.22 14.28 -26.27
C LEU A 125 -23.40 13.84 -27.12
N ASP A 126 -24.08 14.80 -27.72
CA ASP A 126 -25.21 14.50 -28.60
C ASP A 126 -24.65 14.11 -29.95
N VAL A 127 -24.54 12.81 -30.20
CA VAL A 127 -24.04 12.28 -31.46
C VAL A 127 -24.63 10.90 -31.65
N THR A 128 -24.76 10.49 -32.91
CA THR A 128 -25.30 9.19 -33.25
C THR A 128 -24.53 8.64 -34.45
N SER A 129 -24.77 7.38 -34.77
CA SER A 129 -24.20 6.81 -35.99
C SER A 129 -24.67 7.55 -37.23
N SER A 130 -25.80 8.25 -37.15
CA SER A 130 -26.29 9.02 -38.28
C SER A 130 -25.59 10.37 -38.41
N THR A 131 -25.32 11.04 -37.29
CA THR A 131 -24.75 12.37 -37.30
C THR A 131 -23.26 12.40 -37.02
N SER A 132 -22.63 11.23 -36.84
CA SER A 132 -21.21 11.20 -36.46
C SER A 132 -20.33 11.88 -37.51
N THR A 133 -20.59 11.62 -38.79
CA THR A 133 -19.75 12.20 -39.85
C THR A 133 -19.90 13.71 -39.92
N LYS A 134 -21.14 14.21 -39.90
CA LYS A 134 -21.37 15.65 -39.94
C LYS A 134 -20.73 16.33 -38.74
N LEU A 135 -20.72 15.67 -37.58
CA LEU A 135 -20.11 16.25 -36.39
C LEU A 135 -18.59 16.22 -36.49
N VAL A 136 -18.03 15.16 -37.08
CA VAL A 136 -16.60 15.12 -37.33
C VAL A 136 -16.19 16.27 -38.24
N ASP A 137 -16.96 16.48 -39.32
CA ASP A 137 -16.63 17.56 -40.26
C ASP A 137 -16.77 18.92 -39.59
N TYR A 138 -17.82 19.11 -38.78
CA TYR A 138 -17.96 20.38 -38.08
C TYR A 138 -16.78 20.60 -37.14
N ILE A 139 -16.37 19.58 -36.41
CA ILE A 139 -15.23 19.69 -35.50
C ILE A 139 -13.99 20.11 -36.28
N ASN A 140 -13.74 19.46 -37.41
CA ASN A 140 -12.57 19.81 -38.23
C ASN A 140 -12.61 21.28 -38.65
N ALA A 141 -13.78 21.74 -39.11
CA ALA A 141 -13.89 23.11 -39.59
C ALA A 141 -13.73 24.11 -38.43
N SER A 142 -14.43 23.87 -37.33
CA SER A 142 -14.27 24.71 -36.14
C SER A 142 -12.82 24.77 -35.71
N LYS A 143 -12.10 23.65 -35.80
CA LYS A 143 -10.69 23.63 -35.45
C LYS A 143 -9.89 24.53 -36.39
N ARG A 144 -10.24 24.54 -37.68
CA ARG A 144 -9.55 25.43 -38.61
C ARG A 144 -9.82 26.89 -38.27
N TYR A 145 -11.09 27.23 -38.04
CA TYR A 145 -11.47 28.63 -37.89
C TYR A 145 -11.28 29.17 -36.48
N ASN A 146 -11.13 28.29 -35.50
CA ASN A 146 -10.91 28.69 -34.10
C ASN A 146 -9.78 27.85 -33.52
N PRO A 147 -8.55 28.10 -33.96
CA PRO A 147 -7.42 27.24 -33.53
C PRO A 147 -7.40 27.07 -32.03
N PRO A 148 -7.21 25.85 -31.54
CA PRO A 148 -7.07 25.67 -30.08
C PRO A 148 -5.71 26.16 -29.61
N LEU A 149 -5.61 26.34 -28.30
CA LEU A 149 -4.34 26.73 -27.71
C LEU A 149 -3.41 25.52 -27.70
N ASN A 150 -2.19 25.69 -28.21
CA ASN A 150 -1.20 24.61 -28.19
C ASN A 150 -0.47 24.67 -26.85
N VAL A 151 -0.54 23.57 -26.10
CA VAL A 151 0.11 23.43 -24.81
C VAL A 151 1.08 22.27 -24.92
N LYS A 152 2.37 22.55 -24.72
CA LYS A 152 3.33 21.47 -24.55
C LYS A 152 3.18 20.90 -23.15
N VAL A 153 3.31 19.59 -23.04
CA VAL A 153 2.86 18.85 -21.87
C VAL A 153 3.89 17.79 -21.53
N ALA A 154 4.04 17.54 -20.23
CA ALA A 154 4.95 16.52 -19.73
C ALA A 154 4.19 15.65 -18.74
N THR A 155 4.37 14.34 -18.85
CA THR A 155 3.68 13.40 -17.99
C THR A 155 4.53 12.90 -16.83
N ARG A 156 5.79 13.34 -16.73
CA ARG A 156 6.67 12.94 -15.65
C ARG A 156 7.41 14.15 -15.12
N LEU A 157 8.08 13.97 -13.99
CA LEU A 157 8.95 14.98 -13.43
C LEU A 157 10.39 14.76 -13.89
N GLY A 158 11.25 15.72 -13.54
CA GLY A 158 12.67 15.55 -13.76
C GLY A 158 13.08 15.79 -15.20
N HIS A 159 14.24 15.24 -15.55
CA HIS A 159 14.78 15.39 -16.90
C HIS A 159 14.03 14.49 -17.85
N VAL A 160 13.47 15.09 -18.91
CA VAL A 160 12.68 14.36 -19.91
C VAL A 160 13.37 14.36 -21.27
N LYS A 161 13.54 15.54 -21.88
CA LYS A 161 14.18 15.63 -23.19
C LYS A 161 15.28 16.68 -23.18
N GLY A 162 14.92 17.92 -22.91
CA GLY A 162 15.88 18.99 -22.69
C GLY A 162 15.51 19.80 -21.48
N TYR A 163 14.30 19.60 -20.99
CA TYR A 163 13.76 20.37 -19.89
C TYR A 163 13.93 19.62 -18.58
N PHE A 164 13.74 20.34 -17.47
CA PHE A 164 13.64 19.73 -16.15
C PHE A 164 12.31 20.19 -15.56
N ILE A 165 11.39 19.26 -15.38
CA ILE A 165 10.03 19.58 -15.00
C ILE A 165 9.92 19.60 -13.48
N TYR A 166 9.55 20.74 -12.92
CA TYR A 166 9.39 20.84 -11.47
C TYR A 166 7.92 20.66 -11.11
N PRO A 167 7.61 20.03 -9.98
CA PRO A 167 6.21 19.87 -9.60
C PRO A 167 5.67 20.99 -8.71
N TYR A 168 6.23 22.18 -8.84
CA TYR A 168 5.80 23.35 -8.08
C TYR A 168 5.22 24.37 -9.05
N GLN A 169 3.95 24.74 -8.86
CA GLN A 169 3.35 25.80 -9.66
C GLN A 169 4.28 26.98 -9.86
N GLU A 170 4.88 27.49 -8.77
CA GLU A 170 5.70 28.69 -8.87
C GLU A 170 6.73 28.55 -9.98
N VAL A 171 7.44 27.42 -10.02
CA VAL A 171 8.46 27.22 -11.03
C VAL A 171 7.82 26.93 -12.40
N MET A 172 6.68 26.24 -12.43
CA MET A 172 6.08 25.83 -13.69
C MET A 172 5.52 27.02 -14.48
N LYS A 173 4.88 27.95 -13.80
CA LYS A 173 4.29 29.10 -14.49
C LYS A 173 5.31 29.93 -15.25
N ASP A 174 6.61 29.77 -14.94
CA ASP A 174 7.65 30.50 -15.63
C ASP A 174 8.15 29.81 -16.90
N SER A 175 7.95 28.50 -17.02
CA SER A 175 8.60 27.69 -18.05
C SER A 175 7.73 27.39 -19.27
N ASN A 176 6.43 27.65 -19.21
CA ASN A 176 5.54 27.38 -20.34
C ASN A 176 5.53 25.91 -20.75
N VAL A 177 5.54 25.02 -19.76
CA VAL A 177 5.13 23.63 -19.94
C VAL A 177 4.21 23.24 -18.80
N LYS A 178 3.21 22.42 -19.11
CA LYS A 178 2.27 21.95 -18.11
C LYS A 178 2.64 20.54 -17.66
N LEU A 179 2.03 20.10 -16.56
CA LEU A 179 2.31 18.79 -15.98
C LEU A 179 1.03 17.97 -16.03
N PHE A 180 0.89 17.18 -17.10
CA PHE A 180 -0.22 16.27 -17.30
C PHE A 180 0.02 14.99 -16.53
N SER A 181 -0.93 14.60 -15.67
CA SER A 181 -0.88 13.32 -14.98
C SER A 181 -2.31 12.80 -14.84
N ASN A 182 -2.78 12.10 -15.86
CA ASN A 182 -4.08 11.43 -15.81
C ASN A 182 -4.26 10.66 -14.50
N ASP A 183 -3.39 9.69 -14.25
CA ASP A 183 -3.47 8.88 -13.03
C ASP A 183 -3.46 9.79 -11.81
N LYS A 184 -4.47 9.62 -10.94
CA LYS A 184 -4.63 10.50 -9.79
C LYS A 184 -3.68 10.20 -8.65
N GLY A 185 -3.14 8.98 -8.55
CA GLY A 185 -2.14 8.72 -7.52
C GLY A 185 -1.00 9.72 -7.59
N PHE A 186 -0.44 9.90 -8.79
CA PHE A 186 0.62 10.88 -8.96
C PHE A 186 0.13 12.30 -8.77
N GLN A 187 -1.14 12.59 -9.09
CA GLN A 187 -1.67 13.93 -8.88
C GLN A 187 -1.71 14.26 -7.39
N LYS A 188 -2.24 13.35 -6.57
CA LYS A 188 -2.17 13.54 -5.12
C LYS A 188 -0.72 13.62 -4.66
N LEU A 189 0.18 12.90 -5.34
CA LEU A 189 1.61 13.02 -5.05
C LEU A 189 2.12 14.43 -5.33
N ILE A 190 1.59 15.09 -6.36
CA ILE A 190 2.05 16.43 -6.73
C ILE A 190 1.48 17.47 -5.78
N ASP A 191 0.18 17.37 -5.45
CA ASP A 191 -0.37 18.26 -4.42
C ASP A 191 0.40 18.14 -3.12
N SER A 192 1.08 17.00 -2.90
CA SER A 192 1.95 16.81 -1.76
C SER A 192 3.31 17.48 -1.92
N PHE A 193 3.76 17.71 -3.15
CA PHE A 193 5.03 18.40 -3.36
C PHE A 193 4.96 19.86 -2.91
N ARG A 194 3.77 20.47 -2.97
CA ARG A 194 3.56 21.85 -2.57
C ARG A 194 4.40 22.24 -1.35
N SER A 195 5.11 23.36 -1.47
CA SER A 195 5.90 23.85 -0.35
C SER A 195 5.01 24.57 0.65
N LYS A 196 5.59 24.88 1.81
CA LYS A 196 4.89 25.51 2.93
C LYS A 196 5.92 25.82 4.00
N GLY A 197 5.58 26.79 4.85
CA GLY A 197 6.51 27.24 5.87
C GLY A 197 7.60 28.06 5.24
N THR A 198 8.48 28.57 6.11
CA THR A 198 9.60 29.39 5.65
C THR A 198 10.82 28.49 5.42
N LEU A 199 11.91 29.08 4.95
CA LEU A 199 13.13 28.31 4.75
C LEU A 199 13.93 28.19 6.05
N GLN A 200 14.54 29.31 6.49
CA GLN A 200 15.41 29.28 7.66
C GLN A 200 14.74 28.56 8.82
N GLY A 201 13.41 28.68 8.93
CA GLY A 201 12.68 27.94 9.94
C GLY A 201 12.83 26.45 9.79
N TYR A 202 13.12 25.97 8.58
CA TYR A 202 13.39 24.55 8.39
C TYR A 202 14.82 24.21 8.83
N SER A 203 15.74 25.17 8.69
CA SER A 203 17.11 24.97 9.11
C SER A 203 17.31 25.17 10.61
N LYS A 204 16.29 25.59 11.34
CA LYS A 204 16.44 25.78 12.78
C LYS A 204 15.40 25.02 13.59
N LYS A 205 14.20 24.84 13.04
CA LYS A 205 13.17 24.06 13.68
C LYS A 205 13.29 22.58 13.34
N VAL A 206 13.70 22.27 12.11
CA VAL A 206 13.81 20.89 11.65
C VAL A 206 15.27 20.46 11.62
N PHE A 207 16.08 21.17 10.84
CA PHE A 207 17.44 20.72 10.56
C PHE A 207 18.32 20.77 11.80
N ALA A 208 18.25 21.85 12.57
CA ALA A 208 19.14 22.00 13.72
C ALA A 208 18.97 20.90 14.75
N GLN A 209 17.83 20.22 14.75
CA GLN A 209 17.62 19.11 15.66
C GLN A 209 18.49 17.90 15.32
N ILE A 210 18.96 17.81 14.08
CA ILE A 210 19.70 16.64 13.61
C ILE A 210 20.75 17.05 12.59
N LYS A 211 21.75 17.83 13.03
CA LYS A 211 22.85 18.16 12.12
C LYS A 211 23.82 16.99 11.97
N ASP A 212 23.95 16.14 12.99
CA ASP A 212 24.98 15.11 13.00
C ASP A 212 24.45 13.75 13.44
N LEU A 213 23.15 13.52 13.37
CA LEU A 213 22.65 12.15 13.55
C LEU A 213 22.95 11.43 12.23
N PRO A 214 23.90 10.50 12.19
CA PRO A 214 24.47 10.11 10.89
C PRO A 214 23.50 9.38 9.99
N MET A 215 22.67 8.50 10.55
CA MET A 215 21.80 7.67 9.74
C MET A 215 20.72 8.50 9.04
N VAL A 216 19.92 9.23 9.83
CA VAL A 216 18.91 10.10 9.26
C VAL A 216 19.55 11.13 8.34
N MET A 217 20.78 11.54 8.63
CA MET A 217 21.45 12.55 7.81
C MET A 217 21.83 12.00 6.44
N VAL A 218 22.29 10.75 6.39
CA VAL A 218 22.59 10.14 5.10
C VAL A 218 21.31 9.87 4.32
N MET A 219 20.22 9.52 5.03
CA MET A 219 18.93 9.40 4.35
C MET A 219 18.53 10.72 3.72
N LEU A 220 18.78 11.83 4.42
CA LEU A 220 18.47 13.13 3.84
C LEU A 220 19.37 13.44 2.65
N TYR A 221 20.65 13.05 2.73
CA TYR A 221 21.52 13.18 1.56
C TYR A 221 20.91 12.44 0.37
N ALA A 222 20.39 11.23 0.60
CA ALA A 222 19.75 10.48 -0.47
C ALA A 222 18.61 11.28 -1.07
N SER A 223 17.71 11.77 -0.21
CA SER A 223 16.53 12.48 -0.68
C SER A 223 16.90 13.75 -1.44
N LEU A 224 18.06 14.33 -1.14
CA LEU A 224 18.47 15.54 -1.84
C LEU A 224 19.20 15.23 -3.14
N GLY A 225 20.22 14.38 -3.08
CA GLY A 225 21.06 14.09 -4.22
C GLY A 225 20.48 13.16 -5.25
N SER A 226 19.29 12.58 -4.98
CA SER A 226 18.59 11.84 -6.02
C SER A 226 18.59 12.61 -7.34
N VAL A 227 18.44 13.93 -7.27
CA VAL A 227 18.34 14.76 -8.46
C VAL A 227 19.59 14.71 -9.34
N LEU A 228 20.72 14.27 -8.79
CA LEU A 228 22.01 14.47 -9.43
C LEU A 228 22.54 13.22 -10.15
N LEU A 229 21.77 12.12 -10.12
CA LEU A 229 22.23 10.90 -10.75
C LEU A 229 22.46 11.12 -12.25
N ARG A 230 21.48 11.73 -12.92
CA ARG A 230 21.59 11.96 -14.34
C ARG A 230 22.77 12.89 -14.63
N GLU A 231 23.12 13.73 -13.65
CA GLU A 231 24.20 14.69 -13.84
C GLU A 231 25.56 14.00 -13.76
N PHE A 232 25.67 12.96 -12.96
CA PHE A 232 26.95 12.26 -12.81
C PHE A 232 27.00 10.93 -13.57
N GLY A 233 26.02 10.63 -14.40
CA GLY A 233 26.07 9.40 -15.17
C GLY A 233 25.91 8.16 -14.33
N LEU A 234 25.39 8.29 -13.12
CA LEU A 234 25.26 7.19 -12.18
C LEU A 234 23.87 6.60 -12.25
N GLN A 235 23.80 5.28 -12.18
CA GLN A 235 22.54 4.55 -12.27
C GLN A 235 21.88 4.48 -10.89
N PRO A 236 20.60 4.09 -10.84
CA PRO A 236 19.87 4.16 -9.57
C PRO A 236 20.54 3.35 -8.49
N PHE A 237 20.18 3.65 -7.24
CA PHE A 237 20.60 2.85 -6.11
C PHE A 237 19.68 3.17 -4.93
N ILE A 238 20.02 2.61 -3.77
CA ILE A 238 19.10 2.54 -2.64
C ILE A 238 19.82 2.95 -1.37
N VAL A 239 19.07 3.60 -0.48
CA VAL A 239 19.50 3.93 0.87
C VAL A 239 18.39 3.50 1.80
N GLU A 240 18.69 2.56 2.69
CA GLU A 240 17.69 1.97 3.56
C GLU A 240 18.10 2.06 5.02
N ILE A 241 17.10 2.12 5.89
CA ILE A 241 17.30 2.04 7.33
C ILE A 241 16.47 0.88 7.85
N SER A 242 17.01 0.15 8.81
CA SER A 242 16.34 -1.03 9.34
C SER A 242 16.90 -1.35 10.72
N GLY A 243 16.22 -2.26 11.40
CA GLY A 243 16.62 -2.67 12.73
C GLY A 243 15.45 -3.09 13.59
N GLY A 248 13.67 7.69 14.85
CA GLY A 248 12.68 6.69 14.48
C GLY A 248 12.72 6.34 13.01
N LYS A 249 12.34 5.12 12.68
CA LYS A 249 12.41 4.62 11.30
C LYS A 249 11.37 5.27 10.41
N THR A 250 10.09 4.92 10.59
CA THR A 250 9.04 5.66 9.92
C THR A 250 9.18 7.15 10.17
N PHE A 251 9.66 7.52 11.36
CA PHE A 251 9.84 8.93 11.70
C PHE A 251 10.94 9.56 10.86
N THR A 252 12.08 8.89 10.73
CA THR A 252 13.14 9.41 9.89
C THR A 252 12.69 9.57 8.45
N LEU A 253 11.86 8.64 7.96
CA LEU A 253 11.37 8.75 6.59
C LEU A 253 10.41 9.92 6.45
N ASN A 254 9.47 10.06 7.38
CA ASN A 254 8.58 11.22 7.37
C ASN A 254 9.36 12.52 7.43
N LEU A 255 10.47 12.53 8.16
CA LEU A 255 11.27 13.75 8.28
C LEU A 255 12.03 14.05 6.99
N VAL A 256 12.63 13.03 6.38
CA VAL A 256 13.34 13.28 5.13
C VAL A 256 12.35 13.63 4.03
N SER A 257 11.06 13.33 4.21
CA SER A 257 10.08 13.76 3.23
C SER A 257 9.94 15.29 3.20
N SER A 258 10.20 15.95 4.33
CA SER A 258 10.01 17.39 4.42
C SER A 258 11.10 18.18 3.71
N VAL A 259 12.02 17.51 3.01
CA VAL A 259 13.00 18.23 2.22
C VAL A 259 12.37 18.77 0.95
N TRP A 260 11.32 18.11 0.43
CA TRP A 260 10.58 18.62 -0.72
C TRP A 260 9.09 18.80 -0.48
N GLY A 261 8.54 18.38 0.64
CA GLY A 261 7.11 18.62 0.87
C GLY A 261 6.55 17.78 2.00
N THR A 262 5.26 17.46 1.87
CA THR A 262 4.51 16.80 2.93
C THR A 262 4.95 15.36 3.11
N SER A 263 4.44 14.74 4.17
CA SER A 263 4.64 13.32 4.41
C SER A 263 3.75 12.44 3.53
N ASP A 264 3.13 13.01 2.50
CA ASP A 264 2.37 12.22 1.53
C ASP A 264 3.20 11.83 0.32
N LEU A 265 4.43 12.34 0.20
CA LEU A 265 5.35 11.80 -0.79
C LEU A 265 5.66 10.35 -0.50
N ILE A 266 5.47 9.93 0.76
CA ILE A 266 5.77 8.57 1.18
C ILE A 266 4.64 7.64 0.76
N THR A 267 4.97 6.35 0.63
CA THR A 267 3.99 5.35 0.28
C THR A 267 4.36 4.04 0.99
N THR A 268 3.38 3.15 1.08
CA THR A 268 3.61 1.81 1.61
C THR A 268 3.79 0.85 0.44
N TRP A 269 4.72 -0.08 0.59
CA TRP A 269 5.03 -1.05 -0.46
C TRP A 269 3.79 -1.83 -0.88
N SER A 275 2.39 1.20 -9.57
CA SER A 275 3.36 0.25 -9.04
C SER A 275 4.69 0.93 -8.81
N ILE A 276 5.69 0.15 -8.37
CA ILE A 276 7.01 0.72 -8.10
C ILE A 276 7.62 1.25 -9.39
N GLU A 277 7.44 0.53 -10.50
CA GLU A 277 8.07 0.91 -11.76
C GLU A 277 7.47 2.23 -12.28
N SER A 278 6.14 2.33 -12.29
CA SER A 278 5.50 3.54 -12.78
C SER A 278 5.83 4.73 -11.89
N MET A 279 5.80 4.55 -10.56
CA MET A 279 6.15 5.63 -9.66
C MET A 279 7.58 6.10 -9.90
N ALA A 280 8.52 5.16 -10.08
CA ALA A 280 9.90 5.54 -10.33
C ALA A 280 10.02 6.30 -11.64
N SER A 281 9.40 5.79 -12.70
CA SER A 281 9.41 6.48 -13.98
C SER A 281 8.84 7.89 -13.87
N PHE A 282 7.85 8.09 -13.01
CA PHE A 282 7.24 9.40 -12.86
C PHE A 282 8.15 10.35 -12.10
N LEU A 283 8.57 9.95 -10.89
CA LEU A 283 9.49 10.79 -10.12
C LEU A 283 10.77 11.05 -10.90
N ASN A 284 11.17 10.11 -11.76
CA ASN A 284 12.32 10.28 -12.64
C ASN A 284 13.56 10.69 -11.87
N SER A 285 13.79 12.00 -11.74
CA SER A 285 14.97 12.50 -11.05
C SER A 285 14.75 12.70 -9.55
N PHE A 286 13.52 12.59 -9.07
CA PHE A 286 13.24 12.86 -7.66
C PHE A 286 13.26 11.58 -6.84
N PRO A 287 13.61 11.67 -5.56
CA PRO A 287 13.75 10.45 -4.75
C PRO A 287 12.40 9.83 -4.45
N MET A 288 12.42 8.52 -4.24
CA MET A 288 11.24 7.75 -3.89
C MET A 288 11.33 7.31 -2.44
N PHE A 289 10.29 7.58 -1.67
CA PHE A 289 10.19 7.12 -0.28
C PHE A 289 9.15 6.02 -0.22
N LYS A 290 9.56 4.84 0.28
CA LYS A 290 8.64 3.75 0.52
C LYS A 290 8.74 3.33 1.98
N ASP A 291 7.60 3.18 2.63
CA ASP A 291 7.49 3.03 4.07
C ASP A 291 6.89 1.67 4.40
N ASP A 292 7.00 1.31 5.68
CA ASP A 292 6.39 0.09 6.21
C ASP A 292 6.86 -1.13 5.43
N THR A 293 8.19 -1.27 5.34
CA THR A 293 8.79 -2.48 4.78
C THR A 293 8.27 -3.73 5.48
N ARG A 294 7.85 -3.58 6.75
CA ARG A 294 7.52 -4.74 7.56
C ARG A 294 6.21 -5.39 7.13
N ASN A 295 5.24 -4.59 6.70
CA ASN A 295 3.87 -5.05 6.55
C ASN A 295 3.67 -6.02 5.38
N THR A 296 4.67 -6.20 4.52
CA THR A 296 4.44 -6.86 3.24
C THR A 296 5.33 -8.08 3.06
N HIS A 297 4.99 -8.86 2.04
CA HIS A 297 5.63 -10.14 1.77
C HIS A 297 7.06 -9.95 1.27
N PRO A 298 8.02 -10.73 1.79
CA PRO A 298 9.41 -10.56 1.34
C PRO A 298 9.67 -10.94 -0.12
N LYS A 299 8.94 -11.90 -0.70
CA LYS A 299 9.12 -12.16 -2.13
C LYS A 299 8.84 -10.89 -2.94
N PHE A 300 7.85 -10.10 -2.52
CA PHE A 300 7.45 -8.94 -3.30
C PHE A 300 8.52 -7.86 -3.29
N VAL A 301 9.06 -7.57 -2.09
CA VAL A 301 9.94 -6.40 -1.93
C VAL A 301 11.21 -6.57 -2.73
N THR A 302 12.03 -7.58 -2.39
CA THR A 302 13.34 -7.73 -3.02
C THR A 302 13.23 -7.74 -4.54
N SER A 303 12.16 -8.34 -5.07
CA SER A 303 11.91 -8.28 -6.50
C SER A 303 11.63 -6.85 -6.94
N ALA A 304 10.82 -6.11 -6.16
CA ALA A 304 10.55 -4.72 -6.49
C ALA A 304 11.84 -3.90 -6.51
N THR A 305 12.77 -4.21 -5.61
CA THR A 305 14.02 -3.46 -5.53
C THR A 305 14.93 -3.79 -6.71
N TYR A 306 15.03 -5.07 -7.07
CA TYR A 306 15.81 -5.41 -8.26
C TYR A 306 15.21 -4.78 -9.50
N ASN A 307 13.88 -4.69 -9.56
CA ASN A 307 13.22 -4.03 -10.68
C ASN A 307 13.52 -2.54 -10.70
N PHE A 308 13.43 -1.88 -9.55
CA PHE A 308 13.75 -0.46 -9.47
C PHE A 308 15.19 -0.20 -9.90
N SER A 309 16.12 -1.04 -9.45
CA SER A 309 17.52 -0.83 -9.78
C SER A 309 17.74 -0.78 -11.29
N SER A 310 16.85 -1.41 -12.06
CA SER A 310 16.90 -1.35 -13.51
C SER A 310 16.24 -0.06 -14.02
N GLY A 311 16.50 0.25 -15.28
CA GLY A 311 15.97 1.46 -15.88
C GLY A 311 14.83 1.20 -16.84
N LYS A 327 10.03 5.01 -21.51
CA LYS A 327 10.35 5.75 -20.30
C LYS A 327 11.47 5.08 -19.49
N GLU A 328 12.32 5.89 -18.86
CA GLU A 328 13.38 5.39 -17.99
C GLU A 328 13.65 6.44 -16.90
N TRP A 329 14.20 5.97 -15.78
CA TRP A 329 14.41 6.86 -14.63
C TRP A 329 15.82 6.67 -14.06
N ARG A 330 16.21 7.63 -13.21
CA ARG A 330 17.55 7.65 -12.63
C ARG A 330 17.48 8.44 -11.31
N ASN A 331 17.16 7.74 -10.22
CA ASN A 331 16.99 8.40 -8.93
C ASN A 331 17.35 7.41 -7.82
N ILE A 332 17.14 7.84 -6.57
CA ILE A 332 17.51 7.08 -5.39
C ILE A 332 16.24 6.60 -4.71
N LEU A 333 16.26 5.36 -4.22
CA LEU A 333 15.15 4.81 -3.45
C LEU A 333 15.52 4.81 -1.98
N ILE A 334 14.73 5.50 -1.16
CA ILE A 334 14.99 5.65 0.26
C ILE A 334 13.91 4.89 1.02
N SER A 335 14.32 3.93 1.84
CA SER A 335 13.36 3.04 2.48
C SER A 335 13.66 2.87 3.96
N THR A 336 12.69 2.30 4.65
CA THR A 336 12.75 2.11 6.09
C THR A 336 12.45 0.67 6.48
N ARG A 354 22.56 -3.14 -4.83
CA ARG A 354 23.12 -1.80 -4.95
C ARG A 354 22.55 -0.89 -3.88
N VAL A 355 22.80 -1.23 -2.61
CA VAL A 355 22.15 -0.62 -1.47
C VAL A 355 23.20 -0.05 -0.53
N VAL A 356 22.94 1.16 -0.04
CA VAL A 356 23.69 1.77 1.06
C VAL A 356 22.82 1.68 2.29
N THR A 357 23.37 1.17 3.39
CA THR A 357 22.56 0.79 4.54
C THR A 357 22.90 1.65 5.76
N LEU A 358 21.91 1.77 6.63
CA LEU A 358 22.00 2.55 7.87
C LEU A 358 21.23 1.76 8.91
N GLN A 359 21.95 0.94 9.68
CA GLN A 359 21.32 0.01 10.61
C GLN A 359 21.36 0.49 12.06
N ASP A 360 22.25 1.42 12.39
CA ASP A 360 22.16 2.07 13.69
C ASP A 360 20.81 2.77 13.79
N PRO A 361 20.25 2.89 15.00
CA PRO A 361 19.04 3.68 15.17
C PRO A 361 19.38 5.07 15.70
N PRO A 362 18.82 6.14 15.08
CA PRO A 362 18.99 7.46 15.66
C PRO A 362 17.77 7.91 16.47
N PHE A 369 11.11 14.31 19.95
CA PHE A 369 10.48 13.67 18.81
C PHE A 369 9.13 14.33 18.52
N THR A 370 8.31 14.46 19.56
CA THR A 370 6.99 15.08 19.42
C THR A 370 7.08 16.53 18.95
N THR A 371 8.18 17.22 19.24
CA THR A 371 8.33 18.63 18.91
C THR A 371 8.92 18.84 17.52
N LEU A 372 10.00 18.13 17.20
CA LEU A 372 10.57 18.19 15.86
C LEU A 372 9.60 17.72 14.80
N ASP A 373 8.65 16.86 15.18
CA ASP A 373 7.58 16.48 14.26
C ASP A 373 6.70 17.68 13.93
N LYS A 374 6.29 18.44 14.96
CA LYS A 374 5.56 19.67 14.71
C LYS A 374 6.37 20.60 13.81
N SER A 375 7.69 20.64 14.03
CA SER A 375 8.54 21.50 13.21
C SER A 375 8.46 21.13 11.74
N PHE A 376 8.75 19.88 11.40
CA PHE A 376 8.78 19.53 9.98
C PHE A 376 7.37 19.33 9.40
N ARG A 377 6.33 19.29 10.23
CA ARG A 377 4.97 19.31 9.72
C ARG A 377 4.49 20.74 9.44
N GLU A 378 5.00 21.72 10.19
CA GLU A 378 4.66 23.11 9.90
C GLU A 378 5.58 23.70 8.84
N ASN A 379 6.82 23.23 8.76
CA ASN A 379 7.79 23.68 7.77
C ASN A 379 7.95 22.58 6.71
N TYR A 380 7.13 22.65 5.67
CA TYR A 380 7.20 21.64 4.60
C TYR A 380 8.47 21.86 3.78
N GLY A 381 8.51 21.27 2.58
CA GLY A 381 9.69 21.29 1.75
C GLY A 381 10.04 22.62 1.11
N THR A 382 11.03 23.28 1.70
CA THR A 382 11.68 24.43 1.11
C THR A 382 13.16 24.19 0.84
N LEU A 383 13.81 23.38 1.69
CA LEU A 383 15.24 23.11 1.55
C LEU A 383 15.58 22.42 0.24
N GLY A 384 14.68 21.61 -0.31
CA GLY A 384 14.97 20.87 -1.52
C GLY A 384 15.28 21.73 -2.74
N LEU A 385 14.34 22.61 -3.10
CA LEU A 385 14.57 23.49 -4.23
C LEU A 385 15.74 24.43 -3.98
N ALA A 386 15.92 24.86 -2.73
CA ALA A 386 17.12 25.60 -2.36
C ALA A 386 18.38 24.82 -2.73
N PHE A 387 18.42 23.53 -2.36
CA PHE A 387 19.54 22.65 -2.72
C PHE A 387 19.75 22.62 -4.22
N ILE A 388 18.67 22.47 -4.98
CA ILE A 388 18.79 22.42 -6.45
C ILE A 388 19.41 23.72 -6.98
N LYS A 389 18.91 24.85 -6.48
CA LYS A 389 19.45 26.15 -6.90
C LYS A 389 20.93 26.28 -6.54
N GLN A 390 21.30 25.83 -5.34
CA GLN A 390 22.70 25.84 -4.94
C GLN A 390 23.55 25.08 -5.94
N TYR A 391 23.15 23.85 -6.27
CA TYR A 391 23.91 23.09 -7.26
C TYR A 391 23.98 23.85 -8.58
N GLU A 392 22.82 24.21 -9.13
CA GLU A 392 22.75 25.02 -10.35
C GLU A 392 23.80 26.11 -10.36
N SER A 393 24.03 26.74 -9.21
CA SER A 393 24.94 27.88 -9.16
C SER A 393 26.31 27.50 -9.71
N LYS A 394 26.94 26.47 -9.14
CA LYS A 394 28.28 26.04 -9.56
C LYS A 394 28.30 24.56 -9.91
N LYS A 395 27.38 24.17 -10.81
CA LYS A 395 27.37 22.87 -11.47
C LYS A 395 28.76 22.32 -11.75
N ASP A 396 29.45 22.88 -12.75
CA ASP A 396 30.70 22.28 -13.22
C ASP A 396 31.80 22.31 -12.17
N VAL A 397 31.60 22.98 -11.04
CA VAL A 397 32.50 22.87 -9.90
C VAL A 397 32.18 21.61 -9.10
N TYR A 398 30.91 21.45 -8.71
CA TYR A 398 30.53 20.25 -7.98
C TYR A 398 30.76 19.01 -8.83
N LYS A 399 30.72 19.14 -10.15
CA LYS A 399 30.96 17.98 -11.02
C LYS A 399 32.38 17.46 -10.86
N ASN A 400 33.37 18.36 -10.91
CA ASN A 400 34.75 17.93 -10.71
C ASN A 400 34.97 17.42 -9.29
N ALA A 401 34.29 18.02 -8.31
CA ALA A 401 34.40 17.51 -6.94
C ALA A 401 33.90 16.08 -6.85
N PHE A 402 32.75 15.80 -7.48
CA PHE A 402 32.24 14.44 -7.49
C PHE A 402 33.19 13.49 -8.21
N GLU A 403 33.75 13.93 -9.35
CA GLU A 403 34.69 13.09 -10.07
C GLU A 403 35.86 12.70 -9.16
N SER A 404 36.35 13.65 -8.36
CA SER A 404 37.40 13.35 -7.39
C SER A 404 36.94 12.32 -6.37
N TYR A 405 35.80 12.57 -5.72
CA TYR A 405 35.30 11.63 -4.73
C TYR A 405 35.06 10.24 -5.33
N GLN A 406 34.69 10.20 -6.61
CA GLN A 406 34.45 8.93 -7.29
C GLN A 406 35.74 8.15 -7.47
N ARG A 407 36.75 8.78 -8.07
CA ARG A 407 38.02 8.09 -8.24
C ARG A 407 38.62 7.66 -6.90
N TYR A 408 38.41 8.46 -5.85
CA TYR A 408 38.99 8.09 -4.55
C TYR A 408 38.22 6.95 -3.88
N PHE A 409 36.89 7.01 -3.88
CA PHE A 409 36.13 5.96 -3.19
C PHE A 409 36.27 4.62 -3.88
N ASN A 410 36.56 4.62 -5.18
CA ASN A 410 36.86 3.39 -5.92
C ASN A 410 38.20 2.78 -5.51
N GLN A 411 38.93 3.40 -4.59
CA GLN A 411 40.21 2.87 -4.11
C GLN A 411 40.07 2.09 -2.81
N LYS A 412 39.35 2.63 -1.84
CA LYS A 412 39.35 2.09 -0.48
C LYS A 412 39.00 0.60 -0.45
N ASN A 415 38.03 -4.86 0.27
CA ASN A 415 36.63 -5.24 0.08
C ASN A 415 36.16 -4.85 -1.32
N GLU A 416 35.45 -5.76 -1.99
CA GLU A 416 35.03 -5.51 -3.37
C GLU A 416 33.68 -4.80 -3.45
N ILE A 417 32.70 -5.21 -2.64
CA ILE A 417 31.35 -4.69 -2.83
C ILE A 417 31.26 -3.21 -2.48
N MET A 418 32.02 -2.75 -1.50
CA MET A 418 31.97 -1.34 -1.15
C MET A 418 32.57 -0.46 -2.25
N GLN A 419 33.50 -1.02 -3.03
CA GLN A 419 34.05 -0.30 -4.17
C GLN A 419 33.08 -0.33 -5.35
N ARG A 420 32.22 -1.35 -5.42
CA ARG A 420 31.15 -1.35 -6.42
C ARG A 420 30.26 -0.13 -6.23
N LEU A 421 30.01 0.24 -4.97
CA LEU A 421 29.18 1.37 -4.61
C LEU A 421 29.96 2.68 -4.51
N GLY A 422 31.10 2.78 -5.20
CA GLY A 422 31.93 3.96 -5.05
C GLY A 422 31.25 5.22 -5.52
N ARG A 423 30.62 5.16 -6.70
CA ARG A 423 29.94 6.32 -7.23
C ARG A 423 28.79 6.78 -6.34
N ALA A 424 28.10 5.84 -5.69
CA ALA A 424 26.98 6.22 -4.83
C ALA A 424 27.46 7.02 -3.63
N PHE A 425 28.56 6.59 -3.01
CA PHE A 425 29.13 7.36 -1.91
C PHE A 425 29.67 8.70 -2.39
N ALA A 426 30.40 8.70 -3.51
CA ALA A 426 30.80 9.94 -4.15
C ALA A 426 29.63 10.91 -4.25
N LEU A 427 28.48 10.40 -4.69
CA LEU A 427 27.31 11.23 -4.92
C LEU A 427 26.76 11.77 -3.62
N LEU A 428 26.51 10.89 -2.64
CA LEU A 428 25.97 11.35 -1.36
C LEU A 428 26.90 12.36 -0.70
N GLN A 429 28.22 12.20 -0.89
CA GLN A 429 29.15 13.13 -0.27
C GLN A 429 29.18 14.47 -0.99
N VAL A 430 29.08 14.47 -2.33
CA VAL A 430 28.94 15.75 -3.02
C VAL A 430 27.62 16.40 -2.64
N THR A 431 26.60 15.60 -2.34
CA THR A 431 25.34 16.14 -1.84
C THR A 431 25.55 16.85 -0.51
N GLY A 432 26.29 16.22 0.41
CA GLY A 432 26.62 16.87 1.66
C GLY A 432 27.46 18.11 1.48
N GLU A 433 28.41 18.06 0.54
CA GLU A 433 29.24 19.23 0.26
C GLU A 433 28.41 20.38 -0.29
N VAL A 434 27.37 20.07 -1.07
CA VAL A 434 26.47 21.10 -1.55
C VAL A 434 25.65 21.67 -0.39
N LEU A 435 25.13 20.78 0.46
CA LEU A 435 24.30 21.23 1.57
C LEU A 435 25.11 22.13 2.51
N ASN A 436 26.39 21.83 2.71
CA ASN A 436 27.23 22.64 3.58
C ASN A 436 27.23 24.10 3.14
N ASP A 437 27.22 24.34 1.83
CA ASP A 437 27.35 25.71 1.32
C ASP A 437 26.05 26.50 1.43
N ILE A 438 24.91 25.85 1.69
CA ILE A 438 23.69 26.60 1.95
C ILE A 438 23.81 27.32 3.29
N ASP A 439 23.05 28.41 3.43
CA ASP A 439 23.25 29.35 4.52
C ASP A 439 23.05 28.72 5.89
N GLY A 440 21.82 28.33 6.20
CA GLY A 440 21.51 27.92 7.55
C GLY A 440 21.56 26.42 7.74
N PHE A 441 22.31 25.74 6.89
CA PHE A 441 22.39 24.29 6.91
C PHE A 441 23.84 23.82 6.98
N GLU A 442 24.70 24.64 7.58
CA GLU A 442 26.09 24.25 7.75
C GLU A 442 26.17 23.06 8.70
N HIS A 443 27.09 22.14 8.39
CA HIS A 443 27.31 20.96 9.20
C HIS A 443 28.51 20.23 8.63
N ASP A 444 28.93 19.18 9.33
CA ASP A 444 30.11 18.42 8.93
C ASP A 444 29.67 17.28 8.01
N HIS A 445 29.96 17.42 6.71
CA HIS A 445 29.57 16.40 5.75
C HIS A 445 30.58 15.26 5.70
N PHE A 446 31.87 15.57 5.80
CA PHE A 446 32.89 14.52 5.75
C PHE A 446 32.73 13.55 6.91
N LYS A 447 32.44 14.07 8.11
CA LYS A 447 32.38 13.19 9.27
C LYS A 447 31.10 12.36 9.30
N ILE A 448 29.94 12.95 9.03
CA ILE A 448 28.73 12.14 8.96
C ILE A 448 28.91 11.03 7.93
N ILE A 449 29.57 11.34 6.81
CA ILE A 449 29.58 10.38 5.71
C ILE A 449 30.61 9.28 5.95
N GLU A 450 31.80 9.61 6.45
CA GLU A 450 32.74 8.57 6.85
C GLU A 450 32.18 7.76 8.03
N GLN A 451 31.46 8.42 8.94
CA GLN A 451 30.86 7.75 10.08
C GLN A 451 29.93 6.63 9.62
N ALA A 452 29.08 6.93 8.63
CA ALA A 452 28.15 5.91 8.16
C ALA A 452 28.82 4.91 7.21
N TYR A 453 29.85 5.34 6.47
CA TYR A 453 30.65 4.39 5.70
C TYR A 453 31.23 3.30 6.58
N ASP A 454 31.89 3.71 7.67
CA ASP A 454 32.49 2.73 8.58
C ASP A 454 31.41 1.96 9.33
N SER A 455 30.29 2.62 9.66
CA SER A 455 29.16 1.87 10.22
C SER A 455 28.75 0.74 9.29
N MET A 456 28.82 0.97 7.97
CA MET A 456 28.46 -0.07 7.02
C MET A 456 29.50 -1.17 6.98
N VAL A 457 30.78 -0.82 6.80
CA VAL A 457 31.80 -1.88 6.70
C VAL A 457 31.84 -2.70 7.98
N LYS A 458 31.45 -2.11 9.11
CA LYS A 458 31.43 -2.85 10.37
C LYS A 458 30.18 -3.70 10.50
N ASN A 459 29.00 -3.09 10.35
CA ASN A 459 27.75 -3.74 10.73
C ASN A 459 27.10 -4.55 9.61
N ASN A 460 27.31 -4.18 8.34
CA ASN A 460 26.60 -4.85 7.25
C ASN A 460 27.29 -6.18 6.93
N LYS A 461 26.49 -7.25 6.90
CA LYS A 461 27.04 -8.59 6.75
C LYS A 461 27.35 -8.95 5.30
N THR A 462 26.49 -8.56 4.37
CA THR A 462 26.56 -9.08 3.00
C THR A 462 27.75 -8.56 2.21
N ILE A 463 28.49 -7.57 2.72
CA ILE A 463 29.67 -7.10 2.00
C ILE A 463 30.71 -8.21 1.88
N ASP A 464 30.74 -9.14 2.85
CA ASP A 464 31.81 -10.14 2.94
C ASP A 464 31.19 -11.54 2.99
N LYS A 465 30.59 -11.96 1.88
CA LYS A 465 29.99 -13.29 1.82
C LYS A 465 30.98 -14.41 2.16
N PRO A 466 32.23 -14.38 1.67
CA PRO A 466 33.15 -15.49 2.02
C PRO A 466 33.36 -15.63 3.51
N LYS A 467 33.55 -14.53 4.22
CA LYS A 467 33.68 -14.58 5.66
C LYS A 467 32.37 -15.05 6.30
N GLN A 468 31.26 -14.43 5.90
CA GLN A 468 29.95 -14.81 6.43
C GLN A 468 29.75 -16.32 6.32
N LEU A 469 29.77 -16.84 5.09
CA LEU A 469 29.64 -18.28 4.89
C LEU A 469 30.58 -19.04 5.83
N LEU A 470 31.84 -18.61 5.90
CA LEU A 470 32.79 -19.31 6.76
C LEU A 470 32.25 -19.40 8.17
N GLU A 471 31.82 -18.26 8.71
CA GLU A 471 31.27 -18.24 10.05
C GLU A 471 30.12 -19.22 10.17
N GLU A 472 29.21 -19.21 9.20
CA GLU A 472 28.07 -20.13 9.26
C GLU A 472 28.56 -21.56 9.37
N LEU A 473 29.59 -21.92 8.60
CA LEU A 473 30.12 -23.27 8.67
C LEU A 473 30.65 -23.56 10.07
N LEU A 474 31.46 -22.66 10.62
CA LEU A 474 32.04 -22.90 11.94
C LEU A 474 30.95 -23.05 12.99
N GLN A 475 29.98 -22.14 13.01
CA GLN A 475 28.84 -22.27 13.90
C GLN A 475 28.28 -23.69 13.82
N TYR A 476 28.07 -24.19 12.60
CA TYR A 476 27.53 -25.53 12.44
C TYR A 476 28.44 -26.54 13.13
N LEU A 477 29.73 -26.49 12.82
CA LEU A 477 30.68 -27.42 13.43
C LEU A 477 30.70 -27.26 14.94
N ASP A 478 30.43 -26.05 15.45
CA ASP A 478 30.44 -25.85 16.88
C ASP A 478 29.46 -26.78 17.60
N ALA A 479 28.38 -27.15 16.91
CA ALA A 479 27.34 -27.99 17.51
C ALA A 479 27.47 -29.46 17.15
N ASN A 480 28.48 -29.84 16.38
CA ASN A 480 28.61 -31.21 15.89
C ASN A 480 29.99 -31.75 16.21
N ARG A 481 30.34 -31.68 17.49
CA ARG A 481 31.64 -32.12 17.96
C ARG A 481 31.76 -33.64 18.05
N ASN A 482 30.63 -34.35 18.17
CA ASN A 482 30.63 -35.81 18.10
C ASN A 482 30.96 -36.32 16.70
N ASN A 483 31.15 -35.43 15.73
CA ASN A 483 31.59 -35.81 14.40
C ASN A 483 32.88 -35.10 14.03
N ILE A 484 33.58 -34.56 15.02
CA ILE A 484 34.91 -33.99 14.85
C ILE A 484 35.90 -34.91 15.53
N ALA A 485 37.00 -35.21 14.84
CA ALA A 485 38.08 -35.98 15.42
C ALA A 485 39.22 -35.03 15.79
N GLY A 486 40.22 -35.57 16.48
CA GLY A 486 41.45 -34.83 16.69
C GLY A 486 41.87 -34.81 18.13
N ASP A 487 42.76 -33.87 18.43
CA ASP A 487 43.37 -33.74 19.75
C ASP A 487 42.31 -33.48 20.81
N GLY A 488 42.22 -34.38 21.79
CA GLY A 488 41.28 -34.22 22.87
C GLY A 488 39.87 -34.66 22.57
N TYR A 489 39.62 -35.18 21.37
CA TYR A 489 38.28 -35.57 20.95
C TYR A 489 38.12 -37.08 21.02
N SER A 490 36.96 -37.53 21.49
CA SER A 490 36.59 -38.92 21.36
C SER A 490 36.53 -39.29 19.89
N SER A 491 37.05 -40.47 19.55
CA SER A 491 36.98 -40.95 18.17
C SER A 491 35.54 -40.95 17.69
N VAL A 492 35.34 -40.55 16.44
CA VAL A 492 34.01 -40.54 15.83
C VAL A 492 33.67 -41.99 15.48
N LYS A 493 32.69 -42.56 16.18
CA LYS A 493 32.43 -43.99 16.05
C LYS A 493 31.41 -44.30 14.96
N ASN A 494 30.39 -43.48 14.80
CA ASN A 494 29.35 -43.69 13.80
C ASN A 494 29.36 -42.54 12.80
N GLY A 495 29.19 -42.89 11.53
CA GLY A 495 28.95 -41.89 10.52
C GLY A 495 30.17 -41.15 10.04
N ASP A 496 30.01 -39.87 9.74
CA ASP A 496 30.99 -39.12 8.98
C ASP A 496 31.85 -38.25 9.87
N ILE A 497 33.02 -37.89 9.33
CA ILE A 497 33.97 -36.99 9.97
C ILE A 497 33.90 -35.65 9.25
N LYS A 498 33.68 -34.58 10.01
CA LYS A 498 33.46 -33.26 9.43
C LYS A 498 34.66 -32.35 9.55
N ALA A 499 35.54 -32.59 10.52
CA ALA A 499 36.75 -31.79 10.66
C ALA A 499 37.73 -32.53 11.55
N ILE A 500 38.99 -32.10 11.47
CA ILE A 500 40.07 -32.56 12.33
C ILE A 500 40.56 -31.37 13.13
N TYR A 501 40.45 -31.45 14.45
CA TYR A 501 40.92 -30.37 15.30
C TYR A 501 42.40 -30.52 15.56
N LYS A 502 43.21 -29.60 15.05
CA LYS A 502 44.58 -29.42 15.51
C LYS A 502 44.69 -28.06 16.20
N ARG A 503 45.74 -27.90 17.02
CA ARG A 503 45.91 -26.64 17.76
C ARG A 503 46.10 -25.46 16.81
N ASP A 504 46.98 -25.60 15.82
CA ASP A 504 47.23 -24.48 14.92
C ASP A 504 46.07 -24.19 13.99
N TYR A 505 45.14 -25.14 13.81
CA TYR A 505 44.10 -24.97 12.82
C TYR A 505 43.01 -26.01 13.03
N LEU A 506 41.87 -25.77 12.39
CA LEU A 506 40.80 -26.76 12.25
C LEU A 506 40.69 -27.11 10.78
N CYS A 507 40.96 -28.38 10.45
CA CYS A 507 40.93 -28.83 9.07
C CYS A 507 39.54 -29.36 8.77
N ILE A 508 38.70 -28.52 8.17
CA ILE A 508 37.34 -28.93 7.80
C ILE A 508 37.44 -29.78 6.54
N LEU A 509 36.96 -31.02 6.63
CA LEU A 509 37.14 -31.95 5.52
C LEU A 509 36.48 -31.41 4.26
N GLY A 510 37.08 -31.74 3.11
CA GLY A 510 36.57 -31.23 1.85
C GLY A 510 35.09 -31.47 1.67
N GLU A 511 34.60 -32.64 2.09
CA GLU A 511 33.21 -32.99 1.85
C GLU A 511 32.26 -32.05 2.58
N THR A 512 32.60 -31.65 3.81
CA THR A 512 31.75 -30.71 4.54
C THR A 512 31.75 -29.35 3.87
N VAL A 513 32.91 -28.90 3.39
CA VAL A 513 32.97 -27.62 2.70
C VAL A 513 32.14 -27.67 1.43
N LYS A 514 32.13 -28.82 0.74
CA LYS A 514 31.27 -28.95 -0.44
C LYS A 514 29.80 -28.91 -0.02
N GLU A 515 29.43 -29.70 0.99
CA GLU A 515 28.06 -29.68 1.48
C GLU A 515 27.60 -28.27 1.83
N LYS A 516 28.53 -27.39 2.19
CA LYS A 516 28.13 -26.02 2.50
C LYS A 516 28.11 -25.12 1.26
N LEU A 517 29.14 -25.15 0.42
CA LEU A 517 29.28 -24.16 -0.62
C LEU A 517 28.71 -24.58 -1.97
N THR A 518 28.54 -25.87 -2.24
CA THR A 518 27.86 -26.36 -3.44
C THR A 518 28.59 -25.86 -4.67
N HIS A 519 27.97 -25.07 -5.54
CA HIS A 519 28.62 -24.67 -6.78
C HIS A 519 29.58 -23.50 -6.58
N GLU A 520 29.50 -22.81 -5.45
CA GLU A 520 30.37 -21.67 -5.16
C GLU A 520 31.64 -22.08 -4.43
N LEU A 521 31.92 -23.38 -4.38
CA LEU A 521 33.07 -23.88 -3.63
C LEU A 521 34.35 -23.23 -4.14
N GLN A 522 34.57 -23.27 -5.45
CA GLN A 522 35.83 -22.80 -6.00
C GLN A 522 36.07 -21.35 -5.61
N THR A 523 35.09 -20.48 -5.85
CA THR A 523 35.29 -19.05 -5.62
C THR A 523 35.38 -18.73 -4.13
N ILE A 524 34.56 -19.34 -3.28
CA ILE A 524 34.61 -18.95 -1.87
C ILE A 524 35.88 -19.46 -1.23
N THR A 525 36.30 -20.69 -1.53
CA THR A 525 37.58 -21.16 -1.01
C THR A 525 38.72 -20.32 -1.56
N GLY A 526 38.62 -19.90 -2.82
CA GLY A 526 39.59 -18.97 -3.35
C GLY A 526 39.66 -17.69 -2.56
N GLN A 527 38.50 -17.12 -2.21
CA GLN A 527 38.49 -15.92 -1.39
C GLN A 527 39.09 -16.18 -0.01
N TRP A 528 38.75 -17.31 0.60
CA TRP A 528 39.35 -17.67 1.88
C TRP A 528 40.86 -17.64 1.77
N ASP A 529 41.39 -18.12 0.64
CA ASP A 529 42.84 -18.08 0.43
C ASP A 529 43.34 -16.66 0.21
N LYS A 530 42.74 -15.95 -0.74
CA LYS A 530 43.08 -14.55 -0.99
C LYS A 530 43.00 -13.72 0.28
N LYS A 531 42.14 -14.12 1.22
CA LYS A 531 42.01 -13.44 2.51
C LYS A 531 42.97 -13.96 3.56
N GLY A 532 43.71 -15.03 3.27
CA GLY A 532 44.67 -15.55 4.21
C GLY A 532 44.08 -16.39 5.32
N TYR A 533 42.94 -17.03 5.09
CA TYR A 533 42.29 -17.80 6.13
C TYR A 533 42.87 -19.19 6.32
N LEU A 534 43.54 -19.75 5.31
CA LEU A 534 43.82 -21.18 5.30
C LEU A 534 45.31 -21.45 5.16
N ILE A 535 45.73 -22.60 5.69
CA ILE A 535 47.10 -23.07 5.59
C ILE A 535 47.16 -23.99 4.38
N LYS A 536 47.67 -23.47 3.27
CA LYS A 536 47.59 -24.16 1.99
C LYS A 536 48.37 -25.48 2.02
N GLY A 537 48.12 -26.29 1.00
CA GLY A 537 48.82 -27.54 0.82
C GLY A 537 50.07 -27.39 -0.03
N GLU A 538 50.79 -28.50 -0.19
CA GLU A 538 52.08 -28.47 -0.85
C GLU A 538 51.96 -28.05 -2.32
N LYS A 539 51.12 -28.74 -3.08
CA LYS A 539 51.09 -28.61 -4.54
C LYS A 539 50.22 -27.46 -5.03
N ASP A 540 50.28 -26.30 -4.39
CA ASP A 540 49.40 -25.19 -4.75
C ASP A 540 47.94 -25.61 -4.66
N ARG A 541 47.59 -26.33 -3.59
CA ARG A 541 46.23 -26.81 -3.38
C ARG A 541 45.68 -26.19 -2.11
N LEU A 542 44.42 -25.78 -2.15
CA LEU A 542 43.82 -25.13 -1.00
C LEU A 542 43.73 -26.08 0.19
N GLN A 543 43.54 -27.37 -0.07
CA GLN A 543 43.33 -28.36 0.98
C GLN A 543 44.65 -28.97 1.42
N LYS A 544 44.91 -28.89 2.73
CA LYS A 544 46.07 -29.50 3.37
C LYS A 544 45.78 -30.95 3.70
N GLN A 545 46.82 -31.77 3.63
CA GLN A 545 46.78 -33.14 4.16
C GLN A 545 47.11 -33.10 5.64
N VAL A 546 46.16 -33.51 6.47
CA VAL A 546 46.25 -33.42 7.92
C VAL A 546 46.10 -34.81 8.52
N LYS A 547 46.94 -35.14 9.50
CA LYS A 547 46.92 -36.46 10.10
C LYS A 547 46.29 -36.45 11.49
N HIS A 548 45.45 -37.46 11.76
CA HIS A 548 45.06 -37.74 13.12
C HIS A 548 44.97 -39.25 13.33
N GLN A 549 45.45 -39.70 14.49
CA GLN A 549 45.61 -41.11 14.78
C GLN A 549 46.22 -41.85 13.59
N THR A 550 45.46 -42.72 12.95
CA THR A 550 46.02 -43.58 11.91
C THR A 550 45.63 -43.16 10.50
N VAL A 551 45.06 -41.96 10.34
CA VAL A 551 44.61 -41.53 9.02
C VAL A 551 45.20 -40.19 8.63
N LYS A 552 45.35 -40.01 7.31
CA LYS A 552 45.67 -38.74 6.68
C LYS A 552 44.42 -38.31 5.91
N TYR A 553 43.78 -37.24 6.37
CA TYR A 553 42.62 -36.64 5.73
C TYR A 553 43.06 -35.47 4.86
N ARG A 554 42.18 -35.04 3.97
CA ARG A 554 42.43 -33.89 3.11
C ARG A 554 41.32 -32.86 3.34
N GLY A 555 41.70 -31.68 3.84
CA GLY A 555 40.68 -30.68 4.08
C GLY A 555 41.24 -29.28 4.16
N PHE A 556 40.34 -28.31 4.28
CA PHE A 556 40.72 -26.90 4.35
C PHE A 556 41.11 -26.56 5.78
N ALA A 557 42.38 -26.21 5.98
CA ALA A 557 42.91 -25.91 7.31
C ALA A 557 42.69 -24.43 7.59
N ILE A 558 41.79 -24.13 8.52
CA ILE A 558 41.47 -22.76 8.91
C ILE A 558 42.24 -22.43 10.19
N LYS A 559 43.03 -21.37 10.12
CA LYS A 559 43.96 -21.03 11.18
C LYS A 559 43.24 -20.74 12.49
N GLN A 560 43.87 -21.14 13.60
CA GLN A 560 43.38 -20.81 14.93
C GLN A 560 43.04 -19.32 15.04
N GLU A 561 43.83 -18.48 14.37
CA GLU A 561 43.62 -17.04 14.47
C GLU A 561 42.27 -16.63 13.93
N VAL A 562 41.86 -17.20 12.79
CA VAL A 562 40.57 -16.87 12.21
C VAL A 562 39.44 -17.41 13.07
N LEU A 563 39.55 -18.67 13.49
CA LEU A 563 38.57 -19.22 14.43
C LEU A 563 38.34 -18.26 15.58
N LYS A 564 39.41 -17.80 16.21
CA LYS A 564 39.29 -16.96 17.39
C LYS A 564 38.69 -15.61 17.03
N GLU A 565 39.13 -15.00 15.92
CA GLU A 565 38.55 -13.74 15.48
C GLU A 565 37.04 -13.86 15.32
N LEU A 566 36.57 -14.98 14.77
CA LEU A 566 35.15 -15.17 14.55
C LEU A 566 34.41 -15.66 15.79
N GLY A 567 35.12 -15.87 16.91
CA GLY A 567 34.49 -16.17 18.16
C GLY A 567 34.41 -17.63 18.54
N PHE A 568 35.26 -18.48 17.98
CA PHE A 568 35.17 -19.91 18.20
C PHE A 568 36.45 -20.44 18.82
N ASP A 569 36.31 -21.53 19.56
CA ASP A 569 37.43 -22.15 20.26
C ASP A 569 37.12 -23.65 20.38
N PHE A 570 37.57 -24.40 19.38
CA PHE A 570 37.36 -25.83 19.35
C PHE A 570 38.36 -26.57 20.24
N SER A 571 39.01 -25.82 21.13
CA SER A 571 40.02 -26.37 22.04
C SER A 571 39.41 -27.17 23.18
N ASN A 572 40.11 -28.24 23.57
CA ASN A 572 39.76 -29.01 24.75
C ASN A 572 40.63 -28.56 25.93
N ILE B 37 -44.79 14.19 -30.22
CA ILE B 37 -44.41 13.53 -31.45
C ILE B 37 -43.48 14.43 -32.29
N PRO B 38 -42.30 13.90 -32.62
CA PRO B 38 -41.36 14.68 -33.42
C PRO B 38 -41.90 15.01 -34.80
N LYS B 39 -41.59 16.22 -35.26
CA LYS B 39 -41.83 16.58 -36.65
C LYS B 39 -41.28 15.50 -37.57
N GLY B 40 -42.11 15.03 -38.50
CA GLY B 40 -41.68 14.10 -39.53
C GLY B 40 -42.17 12.69 -39.36
N TYR B 41 -42.72 12.33 -38.21
CA TYR B 41 -43.17 10.97 -37.96
C TYR B 41 -44.68 10.92 -37.77
N GLU B 42 -45.26 9.80 -38.19
CA GLU B 42 -46.69 9.53 -38.10
C GLU B 42 -46.91 8.27 -37.27
N ILE B 43 -48.11 8.12 -36.73
CA ILE B 43 -48.46 6.97 -35.91
C ILE B 43 -49.77 6.39 -36.44
N GLU B 44 -49.67 5.24 -37.10
CA GLU B 44 -50.80 4.52 -37.67
C GLU B 44 -51.26 3.38 -36.77
N HIS B 45 -52.47 2.88 -37.08
CA HIS B 45 -53.09 1.79 -36.33
C HIS B 45 -53.55 0.69 -37.28
N GLY B 49 -52.25 -3.18 -34.78
CA GLY B 49 -51.52 -2.56 -33.70
C GLY B 49 -50.80 -1.29 -34.12
N ILE B 50 -50.24 -0.58 -33.14
CA ILE B 50 -49.60 0.70 -33.40
C ILE B 50 -48.42 0.55 -34.36
N ALA B 51 -48.09 1.64 -35.06
CA ALA B 51 -46.98 1.63 -36.00
C ALA B 51 -46.45 3.04 -36.18
N LEU B 52 -45.16 3.25 -35.89
CA LEU B 52 -44.50 4.52 -36.15
C LEU B 52 -43.95 4.51 -37.57
N ASN B 53 -44.47 5.40 -38.41
CA ASN B 53 -44.00 5.56 -39.78
C ASN B 53 -43.15 6.82 -39.90
N GLN B 54 -42.16 6.77 -40.79
CA GLN B 54 -41.41 7.95 -41.18
C GLN B 54 -42.14 8.63 -42.34
N LEU B 55 -42.15 9.96 -42.33
CA LEU B 55 -42.80 10.73 -43.37
C LEU B 55 -41.73 11.24 -44.33
N ILE B 56 -41.71 10.69 -45.54
CA ILE B 56 -40.82 11.15 -46.60
C ILE B 56 -41.70 11.84 -47.65
N PRO B 57 -41.60 13.17 -47.82
CA PRO B 57 -42.47 13.85 -48.80
C PRO B 57 -42.29 13.35 -50.23
N SER B 58 -43.03 13.95 -51.16
CA SER B 58 -42.99 13.54 -52.56
C SER B 58 -42.78 14.74 -53.48
N PRO B 64 -47.76 14.45 -51.95
CA PRO B 64 -48.12 13.76 -50.71
C PRO B 64 -46.99 12.90 -50.16
N ASP B 65 -46.69 13.04 -48.86
CA ASP B 65 -45.56 12.32 -48.27
C ASP B 65 -45.85 10.84 -48.17
N LYS B 66 -44.85 10.03 -48.52
CA LYS B 66 -44.94 8.58 -48.48
C LYS B 66 -44.50 8.04 -47.13
N LYS B 67 -45.03 6.88 -46.76
CA LYS B 67 -44.89 6.31 -45.43
C LYS B 67 -43.88 5.18 -45.43
N VAL B 68 -42.99 5.18 -44.44
CA VAL B 68 -41.93 4.17 -44.30
C VAL B 68 -41.99 3.65 -42.87
N PHE B 69 -42.34 2.37 -42.71
CA PHE B 69 -42.49 1.79 -41.38
C PHE B 69 -41.16 1.77 -40.64
N ILE B 70 -41.21 2.15 -39.37
CA ILE B 70 -40.04 2.12 -38.49
C ILE B 70 -40.16 1.00 -37.45
N THR B 71 -41.26 0.98 -36.70
CA THR B 71 -41.38 0.03 -35.59
C THR B 71 -42.82 -0.01 -35.10
N SER B 72 -43.17 -1.15 -34.49
CA SER B 72 -44.42 -1.27 -33.74
C SER B 72 -44.21 -1.03 -32.26
N THR B 73 -43.00 -0.64 -31.86
CA THR B 73 -42.61 -0.51 -30.45
C THR B 73 -42.02 0.88 -30.26
N ILE B 74 -42.88 1.86 -29.98
CA ILE B 74 -42.45 3.26 -29.90
C ILE B 74 -41.59 3.46 -28.65
N PRO B 75 -40.28 3.70 -28.79
CA PRO B 75 -39.45 3.90 -27.61
C PRO B 75 -39.64 5.29 -27.03
N GLN B 76 -39.74 5.34 -25.70
CA GLN B 76 -39.94 6.58 -24.94
C GLN B 76 -38.85 6.61 -23.88
N ILE B 77 -37.90 7.51 -24.02
CA ILE B 77 -36.74 7.58 -23.12
C ILE B 77 -37.14 8.44 -21.94
N THR B 78 -37.36 7.80 -20.79
CA THR B 78 -38.00 8.50 -19.69
C THR B 78 -37.00 9.20 -18.77
N GLU B 79 -35.89 8.53 -18.44
CA GLU B 79 -34.92 9.07 -17.52
C GLU B 79 -33.51 8.93 -18.07
N ARG B 80 -32.65 9.83 -17.61
CA ARG B 80 -31.21 9.75 -17.82
C ARG B 80 -30.54 9.70 -16.45
N PHE B 81 -29.58 8.80 -16.30
CA PHE B 81 -28.89 8.60 -15.02
C PHE B 81 -27.45 9.03 -15.17
N GLU B 82 -26.98 9.88 -14.26
CA GLU B 82 -25.60 10.36 -14.26
C GLU B 82 -24.92 9.82 -13.00
N ASP B 83 -24.11 8.77 -13.17
CA ASP B 83 -23.29 8.27 -12.08
C ASP B 83 -22.37 9.40 -11.60
N ILE B 84 -22.61 9.91 -10.40
CA ILE B 84 -21.87 11.06 -9.91
C ILE B 84 -20.38 10.77 -9.75
N GLU B 85 -19.99 9.49 -9.77
CA GLU B 85 -18.58 9.15 -9.80
C GLU B 85 -18.02 9.29 -11.21
N SER B 86 -18.64 8.63 -12.18
CA SER B 86 -18.12 8.57 -13.54
C SER B 86 -18.40 9.84 -14.33
N ASN B 87 -19.52 10.51 -14.05
CA ASN B 87 -20.09 11.58 -14.88
C ASN B 87 -20.59 11.04 -16.22
N GLU B 88 -20.54 9.74 -16.45
CA GLU B 88 -21.14 9.13 -17.62
C GLU B 88 -22.63 8.91 -17.38
N VAL B 89 -23.35 8.56 -18.46
CA VAL B 89 -24.81 8.58 -18.41
C VAL B 89 -25.38 7.31 -19.03
N SER B 90 -26.59 6.97 -18.57
CA SER B 90 -27.38 5.85 -19.08
C SER B 90 -28.82 6.31 -19.13
N PHE B 91 -29.72 5.41 -19.57
CA PHE B 91 -31.10 5.79 -19.79
C PHE B 91 -32.01 4.63 -19.42
N ASN B 92 -33.30 4.96 -19.25
CA ASN B 92 -34.35 3.96 -19.20
C ASN B 92 -35.26 4.15 -20.41
N MET B 93 -35.44 3.08 -21.19
CA MET B 93 -36.35 3.06 -22.32
C MET B 93 -37.64 2.38 -21.91
N LEU B 94 -38.77 3.01 -22.24
CA LEU B 94 -40.10 2.47 -22.00
C LEU B 94 -40.76 2.23 -23.35
N PHE B 95 -41.34 1.04 -23.53
CA PHE B 95 -42.11 0.78 -24.74
C PHE B 95 -43.18 -0.25 -24.44
N TYR B 96 -44.16 -0.34 -25.33
CA TYR B 96 -45.30 -1.23 -25.12
C TYR B 96 -45.22 -2.42 -26.06
N ASP B 97 -45.20 -3.62 -25.48
CA ASP B 97 -45.22 -4.86 -26.23
C ASP B 97 -46.64 -5.43 -26.27
N ASN B 98 -47.55 -4.64 -26.84
CA ASN B 98 -48.96 -5.02 -26.98
C ASN B 98 -49.60 -5.25 -25.60
N LYS B 99 -49.83 -4.13 -24.91
CA LYS B 99 -50.50 -3.69 -23.70
C LYS B 99 -49.61 -3.76 -22.46
N THR B 100 -48.42 -4.36 -22.56
CA THR B 100 -47.57 -4.54 -21.39
C THR B 100 -46.40 -3.58 -21.45
N PRO B 101 -46.27 -2.64 -20.53
CA PRO B 101 -45.09 -1.77 -20.53
C PRO B 101 -43.82 -2.57 -20.28
N VAL B 102 -42.73 -2.09 -20.88
CA VAL B 102 -41.42 -2.71 -20.79
C VAL B 102 -40.44 -1.57 -20.56
N ASN B 103 -39.89 -1.49 -19.35
CA ASN B 103 -38.83 -0.55 -19.02
C ASN B 103 -37.52 -1.31 -18.94
N ILE B 104 -36.54 -0.88 -19.71
CA ILE B 104 -35.23 -1.54 -19.76
C ILE B 104 -34.16 -0.47 -19.64
N ALA B 105 -33.15 -0.75 -18.80
CA ALA B 105 -32.01 0.12 -18.67
C ALA B 105 -31.09 -0.09 -19.87
N VAL B 106 -30.65 1.02 -20.47
CA VAL B 106 -29.89 0.97 -21.72
C VAL B 106 -28.77 1.99 -21.65
N SER B 107 -27.61 1.63 -22.20
CA SER B 107 -26.50 2.55 -22.24
C SER B 107 -26.73 3.62 -23.31
N ALA B 108 -25.87 4.64 -23.29
CA ALA B 108 -25.94 5.67 -24.31
C ALA B 108 -25.65 5.10 -25.70
N GLU B 109 -24.62 4.25 -25.79
CA GLU B 109 -24.26 3.66 -27.09
C GLU B 109 -25.42 2.85 -27.65
N GLU B 110 -26.04 2.01 -26.81
CA GLU B 110 -27.14 1.19 -27.28
C GLU B 110 -28.21 2.03 -27.97
N ILE B 111 -28.48 3.21 -27.42
CA ILE B 111 -29.56 4.04 -27.96
C ILE B 111 -29.08 4.88 -29.15
N SER B 112 -27.79 5.21 -29.22
CA SER B 112 -27.31 6.16 -30.22
C SER B 112 -26.48 5.50 -31.32
N ASP B 113 -26.40 4.18 -31.36
CA ASP B 113 -25.63 3.45 -32.37
C ASP B 113 -26.50 2.32 -32.91
N SER B 114 -26.81 2.37 -34.21
CA SER B 114 -27.72 1.41 -34.79
C SER B 114 -27.28 -0.02 -34.52
N ARG B 115 -25.97 -0.28 -34.66
CA ARG B 115 -25.46 -1.64 -34.50
C ARG B 115 -25.77 -2.18 -33.12
N GLN B 116 -25.70 -1.34 -32.10
CA GLN B 116 -25.98 -1.77 -30.74
C GLN B 116 -27.46 -1.70 -30.40
N LEU B 117 -28.16 -0.65 -30.84
CA LEU B 117 -29.60 -0.61 -30.69
C LEU B 117 -30.22 -1.91 -31.18
N LEU B 118 -29.71 -2.45 -32.29
CA LEU B 118 -30.22 -3.71 -32.80
C LEU B 118 -30.18 -4.84 -31.78
N LYS B 119 -29.32 -4.74 -30.76
CA LYS B 119 -29.18 -5.84 -29.82
C LYS B 119 -30.36 -5.98 -28.88
N LEU B 120 -31.17 -4.93 -28.76
CA LEU B 120 -32.33 -4.97 -27.85
C LEU B 120 -33.49 -5.78 -28.41
N VAL B 121 -33.36 -6.35 -29.61
CA VAL B 121 -34.41 -7.21 -30.12
C VAL B 121 -34.66 -8.34 -29.14
N ASN B 122 -33.62 -8.80 -28.44
CA ASN B 122 -33.77 -9.86 -27.46
C ASN B 122 -34.65 -9.45 -26.30
N LYS B 123 -34.87 -8.14 -26.11
CA LYS B 123 -35.67 -7.64 -25.00
C LYS B 123 -37.02 -7.10 -25.47
N LYS B 124 -37.52 -7.59 -26.60
CA LYS B 124 -38.86 -7.32 -27.11
C LYS B 124 -38.96 -6.02 -27.89
N LEU B 125 -37.84 -5.45 -28.32
CA LEU B 125 -37.85 -4.24 -29.13
C LEU B 125 -38.02 -4.61 -30.60
N ASP B 126 -38.97 -3.96 -31.26
CA ASP B 126 -39.20 -4.16 -32.69
C ASP B 126 -38.18 -3.33 -33.44
N VAL B 127 -37.08 -3.96 -33.86
CA VAL B 127 -36.03 -3.28 -34.61
C VAL B 127 -35.32 -4.33 -35.46
N THR B 128 -34.75 -3.88 -36.58
CA THR B 128 -34.02 -4.76 -37.47
C THR B 128 -32.79 -4.02 -38.00
N SER B 129 -31.92 -4.77 -38.68
CA SER B 129 -30.80 -4.13 -39.37
C SER B 129 -31.27 -3.16 -40.44
N SER B 130 -32.51 -3.32 -40.92
CA SER B 130 -33.05 -2.42 -41.93
C SER B 130 -33.56 -1.12 -41.30
N THR B 131 -34.19 -1.21 -40.13
CA THR B 131 -34.82 -0.06 -39.51
C THR B 131 -34.01 0.54 -38.37
N SER B 132 -32.82 -0.01 -38.07
CA SER B 132 -32.07 0.47 -36.91
C SER B 132 -31.74 1.95 -37.03
N THR B 133 -31.34 2.41 -38.22
CA THR B 133 -30.94 3.80 -38.39
C THR B 133 -32.14 4.75 -38.20
N LYS B 134 -33.26 4.45 -38.85
CA LYS B 134 -34.44 5.29 -38.68
C LYS B 134 -34.90 5.33 -37.24
N LEU B 135 -34.77 4.22 -36.52
CA LEU B 135 -35.19 4.21 -35.12
C LEU B 135 -34.21 5.01 -34.25
N VAL B 136 -32.92 4.94 -34.55
CA VAL B 136 -31.95 5.78 -33.84
C VAL B 136 -32.30 7.25 -34.04
N ASP B 137 -32.61 7.63 -35.29
CA ASP B 137 -32.94 9.02 -35.57
C ASP B 137 -34.24 9.43 -34.87
N TYR B 138 -35.25 8.55 -34.88
CA TYR B 138 -36.47 8.86 -34.17
C TYR B 138 -36.21 9.05 -32.68
N ILE B 139 -35.39 8.17 -32.09
CA ILE B 139 -35.05 8.30 -30.68
C ILE B 139 -34.39 9.66 -30.42
N ASN B 140 -33.44 10.04 -31.27
CA ASN B 140 -32.77 11.33 -31.09
C ASN B 140 -33.78 12.47 -31.10
N ALA B 141 -34.70 12.47 -32.06
CA ALA B 141 -35.66 13.56 -32.18
C ALA B 141 -36.64 13.57 -31.00
N SER B 142 -37.19 12.41 -30.66
CA SER B 142 -38.07 12.28 -29.50
C SER B 142 -37.37 12.79 -28.24
N LYS B 143 -36.08 12.48 -28.10
CA LYS B 143 -35.30 12.98 -26.96
C LYS B 143 -35.21 14.50 -27.00
N ARG B 144 -35.08 15.07 -28.20
CA ARG B 144 -35.02 16.52 -28.30
C ARG B 144 -36.32 17.17 -27.83
N TYR B 145 -37.45 16.69 -28.32
CA TYR B 145 -38.72 17.38 -28.07
C TYR B 145 -39.43 16.92 -26.80
N ASN B 146 -39.05 15.80 -26.19
CA ASN B 146 -39.60 15.38 -24.90
C ASN B 146 -38.43 15.01 -23.98
N PRO B 147 -37.67 16.00 -23.52
CA PRO B 147 -36.46 15.73 -22.74
C PRO B 147 -36.74 14.76 -21.59
N PRO B 148 -35.85 13.79 -21.35
CA PRO B 148 -36.01 12.91 -20.20
C PRO B 148 -35.68 13.61 -18.90
N LEU B 149 -36.11 12.99 -17.80
CA LEU B 149 -35.78 13.48 -16.47
C LEU B 149 -34.33 13.16 -16.11
N ASN B 150 -33.59 14.18 -15.66
CA ASN B 150 -32.20 14.02 -15.27
C ASN B 150 -32.11 13.60 -13.80
N VAL B 151 -31.51 12.44 -13.54
CA VAL B 151 -31.33 11.93 -12.19
C VAL B 151 -29.84 11.69 -11.95
N LYS B 152 -29.28 12.35 -10.94
CA LYS B 152 -27.93 12.02 -10.47
C LYS B 152 -28.01 10.74 -9.64
N VAL B 153 -27.02 9.87 -9.79
CA VAL B 153 -27.11 8.49 -9.32
C VAL B 153 -25.78 8.04 -8.76
N ALA B 154 -25.85 7.19 -7.73
CA ALA B 154 -24.68 6.61 -7.09
C ALA B 154 -24.87 5.11 -6.94
N THR B 155 -23.80 4.34 -7.18
CA THR B 155 -23.85 2.89 -7.05
C THR B 155 -23.26 2.38 -5.74
N ARG B 156 -22.79 3.27 -4.87
CA ARG B 156 -22.22 2.88 -3.60
C ARG B 156 -22.79 3.74 -2.48
N LEU B 157 -22.54 3.32 -1.24
CA LEU B 157 -22.90 4.09 -0.07
C LEU B 157 -21.73 4.96 0.39
N GLY B 158 -21.99 5.82 1.37
CA GLY B 158 -20.94 6.55 2.02
C GLY B 158 -20.43 7.75 1.21
N HIS B 159 -19.21 8.16 1.54
CA HIS B 159 -18.58 9.30 0.91
C HIS B 159 -18.15 8.92 -0.51
N VAL B 160 -18.62 9.67 -1.51
CA VAL B 160 -18.30 9.38 -2.89
C VAL B 160 -17.45 10.50 -3.47
N LYS B 161 -18.01 11.70 -3.59
CA LYS B 161 -17.24 12.83 -4.10
C LYS B 161 -17.46 14.05 -3.22
N GLY B 162 -18.71 14.44 -3.02
CA GLY B 162 -19.04 15.47 -2.06
C GLY B 162 -20.20 15.10 -1.17
N TYR B 163 -20.90 14.04 -1.53
CA TYR B 163 -22.09 13.59 -0.82
C TYR B 163 -21.76 12.43 0.11
N PHE B 164 -22.71 12.12 0.99
CA PHE B 164 -22.71 10.90 1.78
C PHE B 164 -24.05 10.19 1.51
N ILE B 165 -23.99 9.05 0.84
CA ILE B 165 -25.18 8.38 0.35
C ILE B 165 -25.65 7.39 1.41
N TYR B 166 -26.88 7.55 1.86
CA TYR B 166 -27.49 6.68 2.85
C TYR B 166 -28.37 5.63 2.18
N PRO B 167 -28.42 4.42 2.73
CA PRO B 167 -29.31 3.40 2.15
C PRO B 167 -30.69 3.43 2.79
N TYR B 168 -31.10 4.59 3.28
CA TYR B 168 -32.39 4.78 3.92
C TYR B 168 -33.26 5.72 3.08
N GLN B 169 -34.45 5.22 2.72
CA GLN B 169 -35.44 6.02 2.01
C GLN B 169 -35.53 7.44 2.57
N GLU B 170 -35.62 7.55 3.90
CA GLU B 170 -35.88 8.82 4.55
C GLU B 170 -34.93 9.93 4.08
N VAL B 171 -33.63 9.68 4.14
CA VAL B 171 -32.67 10.71 3.75
C VAL B 171 -32.60 10.85 2.24
N MET B 172 -32.78 9.76 1.50
CA MET B 172 -32.61 9.80 0.05
C MET B 172 -33.67 10.67 -0.58
N LYS B 173 -34.92 10.57 -0.12
CA LYS B 173 -35.95 11.46 -0.64
C LYS B 173 -35.63 12.91 -0.34
N ASP B 174 -34.77 13.18 0.64
CA ASP B 174 -34.37 14.54 0.97
C ASP B 174 -33.16 15.02 0.19
N SER B 175 -32.34 14.11 -0.34
CA SER B 175 -31.05 14.50 -0.91
C SER B 175 -31.06 14.64 -2.43
N ASN B 176 -32.08 14.14 -3.11
CA ASN B 176 -32.19 14.24 -4.56
C ASN B 176 -30.94 13.66 -5.24
N VAL B 177 -30.44 12.56 -4.68
CA VAL B 177 -29.53 11.66 -5.37
C VAL B 177 -30.08 10.26 -5.13
N LYS B 178 -30.01 9.41 -6.15
CA LYS B 178 -30.58 8.07 -6.07
C LYS B 178 -29.48 7.02 -5.94
N LEU B 179 -29.91 5.80 -5.60
CA LEU B 179 -28.99 4.68 -5.36
C LEU B 179 -29.28 3.58 -6.39
N PHE B 180 -28.54 3.63 -7.50
CA PHE B 180 -28.62 2.64 -8.56
C PHE B 180 -27.75 1.46 -8.16
N SER B 181 -28.30 0.25 -8.23
CA SER B 181 -27.50 -0.94 -7.97
C SER B 181 -27.90 -2.06 -8.94
N ASN B 182 -27.26 -2.05 -10.12
CA ASN B 182 -27.39 -3.14 -11.07
C ASN B 182 -27.27 -4.48 -10.36
N ASP B 183 -26.14 -4.72 -9.70
CA ASP B 183 -25.94 -5.94 -8.94
C ASP B 183 -27.06 -6.10 -7.91
N LYS B 184 -27.73 -7.25 -7.95
CA LYS B 184 -28.87 -7.48 -7.06
C LYS B 184 -28.45 -7.85 -5.65
N GLY B 185 -27.27 -8.44 -5.48
CA GLY B 185 -26.79 -8.72 -4.14
C GLY B 185 -26.76 -7.48 -3.28
N PHE B 186 -26.18 -6.41 -3.80
CA PHE B 186 -26.17 -5.15 -3.06
C PHE B 186 -27.58 -4.61 -2.88
N GLN B 187 -28.49 -4.86 -3.82
CA GLN B 187 -29.86 -4.41 -3.64
C GLN B 187 -30.51 -5.10 -2.44
N LYS B 188 -30.32 -6.42 -2.32
CA LYS B 188 -30.79 -7.13 -1.14
C LYS B 188 -30.10 -6.62 0.12
N LEU B 189 -28.84 -6.22 0.02
CA LEU B 189 -28.17 -5.61 1.17
C LEU B 189 -28.84 -4.30 1.57
N ILE B 190 -29.31 -3.54 0.59
CA ILE B 190 -29.94 -2.25 0.87
C ILE B 190 -31.34 -2.46 1.44
N ASP B 191 -32.11 -3.37 0.84
CA ASP B 191 -33.40 -3.76 1.41
C ASP B 191 -33.22 -4.34 2.81
N SER B 192 -32.03 -4.88 3.10
CA SER B 192 -31.71 -5.33 4.46
C SER B 192 -31.35 -4.17 5.37
N PHE B 193 -30.89 -3.05 4.81
CA PHE B 193 -30.63 -1.88 5.64
C PHE B 193 -31.90 -1.35 6.29
N ARG B 194 -33.05 -1.56 5.64
CA ARG B 194 -34.33 -1.09 6.17
C ARG B 194 -34.40 -1.26 7.68
N SER B 195 -34.65 -0.15 8.38
CA SER B 195 -34.79 -0.15 9.83
C SER B 195 -36.22 -0.51 10.24
N LYS B 196 -36.40 -0.69 11.54
CA LYS B 196 -37.68 -1.03 12.15
C LYS B 196 -37.49 -0.93 13.65
N GLY B 197 -38.60 -0.80 14.37
CA GLY B 197 -38.56 -0.56 15.80
C GLY B 197 -38.22 0.89 16.12
N THR B 198 -38.27 1.18 17.42
CA THR B 198 -38.05 2.53 17.93
C THR B 198 -36.60 2.76 18.32
N LEU B 199 -36.30 3.96 18.80
CA LEU B 199 -34.96 4.27 19.29
C LEU B 199 -34.79 3.77 20.72
N GLN B 200 -35.38 4.49 21.68
CA GLN B 200 -35.23 4.14 23.09
C GLN B 200 -35.50 2.67 23.34
N GLY B 201 -36.41 2.06 22.57
CA GLY B 201 -36.65 0.64 22.71
C GLY B 201 -35.43 -0.21 22.41
N TYR B 202 -34.52 0.31 21.59
CA TYR B 202 -33.27 -0.41 21.31
C TYR B 202 -32.25 -0.24 22.43
N SER B 203 -32.28 0.89 23.13
CA SER B 203 -31.37 1.15 24.23
C SER B 203 -31.78 0.46 25.52
N LYS B 204 -32.90 -0.24 25.53
CA LYS B 204 -33.40 -0.88 26.74
C LYS B 204 -33.63 -2.37 26.55
N LYS B 205 -34.02 -2.78 25.35
CA LYS B 205 -34.18 -4.19 25.04
C LYS B 205 -32.89 -4.86 24.58
N VAL B 206 -32.10 -4.15 23.79
CA VAL B 206 -30.86 -4.68 23.22
C VAL B 206 -29.66 -4.11 23.94
N PHE B 207 -29.50 -2.79 23.90
CA PHE B 207 -28.29 -2.15 24.39
C PHE B 207 -28.15 -2.32 25.90
N ALA B 208 -29.23 -2.10 26.66
CA ALA B 208 -29.13 -2.16 28.11
C ALA B 208 -28.75 -3.55 28.60
N GLN B 209 -28.98 -4.58 27.79
CA GLN B 209 -28.56 -5.93 28.15
C GLN B 209 -27.05 -6.08 28.12
N ILE B 210 -26.35 -5.20 27.41
CA ILE B 210 -24.91 -5.32 27.19
C ILE B 210 -24.30 -3.93 27.18
N LYS B 211 -24.39 -3.21 28.30
CA LYS B 211 -23.72 -1.93 28.40
C LYS B 211 -22.23 -2.09 28.69
N ASP B 212 -21.83 -3.19 29.35
CA ASP B 212 -20.46 -3.33 29.83
C ASP B 212 -19.85 -4.70 29.54
N LEU B 213 -20.41 -5.46 28.60
CA LEU B 213 -19.75 -6.68 28.10
C LEU B 213 -18.66 -6.31 27.10
N PRO B 214 -17.38 -6.50 27.42
CA PRO B 214 -16.34 -5.77 26.67
C PRO B 214 -16.15 -6.23 25.22
N MET B 215 -16.20 -7.53 24.96
CA MET B 215 -15.90 -8.01 23.60
C MET B 215 -16.98 -7.57 22.62
N VAL B 216 -18.24 -7.94 22.90
CA VAL B 216 -19.35 -7.51 22.06
C VAL B 216 -19.41 -5.99 21.99
N MET B 217 -19.00 -5.31 23.06
CA MET B 217 -19.10 -3.85 23.08
C MET B 217 -18.06 -3.22 22.16
N VAL B 218 -16.86 -3.78 22.11
CA VAL B 218 -15.86 -3.27 21.17
C VAL B 218 -16.27 -3.60 19.74
N MET B 219 -16.90 -4.77 19.54
CA MET B 219 -17.46 -5.07 18.23
C MET B 219 -18.52 -4.04 17.83
N LEU B 220 -19.33 -3.60 18.79
CA LEU B 220 -20.33 -2.58 18.49
C LEU B 220 -19.67 -1.24 18.19
N TYR B 221 -18.61 -0.89 18.92
CA TYR B 221 -17.83 0.30 18.58
C TYR B 221 -17.33 0.21 17.14
N ALA B 222 -16.85 -0.96 16.73
CA ALA B 222 -16.42 -1.14 15.35
C ALA B 222 -17.58 -0.84 14.40
N SER B 223 -18.72 -1.49 14.63
CA SER B 223 -19.85 -1.37 13.73
C SER B 223 -20.38 0.06 13.65
N LEU B 224 -20.20 0.84 14.71
CA LEU B 224 -20.67 2.22 14.70
C LEU B 224 -19.64 3.17 14.09
N GLY B 225 -18.39 3.12 14.56
CA GLY B 225 -17.35 4.02 14.12
C GLY B 225 -16.77 3.72 12.76
N SER B 226 -17.16 2.60 12.13
CA SER B 226 -16.80 2.39 10.74
C SER B 226 -17.09 3.63 9.90
N VAL B 227 -18.19 4.32 10.18
CA VAL B 227 -18.58 5.48 9.40
C VAL B 227 -17.55 6.60 9.49
N LEU B 228 -16.70 6.58 10.52
CA LEU B 228 -15.88 7.72 10.88
C LEU B 228 -14.44 7.63 10.39
N LEU B 229 -14.08 6.57 9.66
CA LEU B 229 -12.70 6.40 9.22
C LEU B 229 -12.26 7.55 8.32
N ARG B 230 -13.08 7.91 7.33
CA ARG B 230 -12.66 8.88 6.32
C ARG B 230 -12.37 10.26 6.90
N GLU B 231 -13.02 10.64 7.99
CA GLU B 231 -12.80 11.97 8.55
C GLU B 231 -11.51 12.08 9.34
N PHE B 232 -11.03 10.97 9.92
CA PHE B 232 -9.80 11.00 10.72
C PHE B 232 -8.57 10.54 9.93
N GLY B 233 -8.70 10.36 8.62
CA GLY B 233 -7.55 10.02 7.80
C GLY B 233 -6.99 8.64 7.99
N LEU B 234 -7.74 7.73 8.60
CA LEU B 234 -7.26 6.38 8.88
C LEU B 234 -7.70 5.40 7.79
N GLN B 235 -6.80 4.49 7.43
CA GLN B 235 -7.08 3.47 6.43
C GLN B 235 -7.76 2.28 7.09
N PRO B 236 -8.31 1.35 6.30
CA PRO B 236 -9.15 0.30 6.88
C PRO B 236 -8.42 -0.52 7.94
N PHE B 237 -9.21 -1.21 8.75
CA PHE B 237 -8.67 -2.17 9.72
C PHE B 237 -9.80 -3.11 10.11
N ILE B 238 -9.52 -3.99 11.09
CA ILE B 238 -10.32 -5.17 11.35
C ILE B 238 -10.60 -5.30 12.85
N VAL B 239 -11.77 -5.84 13.17
CA VAL B 239 -12.13 -6.23 14.54
C VAL B 239 -12.70 -7.64 14.49
N GLU B 240 -12.03 -8.59 15.13
CA GLU B 240 -12.41 -9.99 15.05
C GLU B 240 -12.57 -10.59 16.44
N ILE B 241 -13.46 -11.58 16.54
CA ILE B 241 -13.63 -12.38 17.74
C ILE B 241 -13.54 -13.86 17.38
N SER B 242 -12.92 -14.65 18.24
CA SER B 242 -12.77 -16.08 17.99
C SER B 242 -12.46 -16.79 19.30
N GLY B 243 -12.56 -18.11 19.27
CA GLY B 243 -12.30 -18.94 20.43
C GLY B 243 -13.11 -20.22 20.43
N GLY B 248 -22.41 -16.53 22.19
CA GLY B 248 -21.98 -17.11 20.93
C GLY B 248 -21.43 -16.07 19.97
N LYS B 249 -20.51 -16.49 19.11
CA LYS B 249 -19.82 -15.59 18.21
C LYS B 249 -20.77 -15.08 17.12
N THR B 250 -21.23 -16.00 16.26
CA THR B 250 -22.25 -15.66 15.29
C THR B 250 -23.39 -14.88 15.93
N PHE B 251 -23.71 -15.19 17.18
CA PHE B 251 -24.77 -14.47 17.88
C PHE B 251 -24.38 -13.03 18.14
N THR B 252 -23.15 -12.81 18.62
CA THR B 252 -22.66 -11.45 18.84
C THR B 252 -22.65 -10.66 17.54
N LEU B 253 -22.34 -11.33 16.42
CA LEU B 253 -22.35 -10.65 15.13
C LEU B 253 -23.77 -10.27 14.73
N ASN B 254 -24.71 -11.21 14.87
CA ASN B 254 -26.12 -10.90 14.63
C ASN B 254 -26.57 -9.73 15.49
N LEU B 255 -26.04 -9.62 16.71
CA LEU B 255 -26.44 -8.53 17.59
C LEU B 255 -25.89 -7.20 17.12
N VAL B 256 -24.61 -7.17 16.72
CA VAL B 256 -24.04 -5.91 16.23
C VAL B 256 -24.65 -5.52 14.90
N SER B 257 -25.30 -6.44 14.19
CA SER B 257 -25.94 -6.07 12.93
C SER B 257 -27.13 -5.12 13.13
N SER B 258 -27.78 -5.18 14.29
CA SER B 258 -28.99 -4.39 14.53
C SER B 258 -28.70 -2.92 14.77
N VAL B 259 -27.44 -2.47 14.61
CA VAL B 259 -27.14 -1.06 14.73
C VAL B 259 -27.58 -0.29 13.49
N TRP B 260 -27.60 -0.92 12.30
CA TRP B 260 -28.11 -0.27 11.10
C TRP B 260 -29.25 -1.02 10.42
N GLY B 261 -29.61 -2.22 10.86
CA GLY B 261 -30.73 -2.90 10.23
C GLY B 261 -30.80 -4.37 10.59
N THR B 262 -31.30 -5.16 9.65
CA THR B 262 -31.60 -6.56 9.89
C THR B 262 -30.31 -7.37 10.06
N SER B 263 -30.47 -8.61 10.49
CA SER B 263 -29.37 -9.57 10.55
C SER B 263 -29.00 -10.10 9.17
N ASP B 264 -29.49 -9.47 8.11
CA ASP B 264 -29.13 -9.82 6.74
C ASP B 264 -27.97 -8.99 6.20
N LEU B 265 -27.53 -7.97 6.93
CA LEU B 265 -26.29 -7.28 6.59
C LEU B 265 -25.08 -8.22 6.66
N ILE B 266 -25.20 -9.32 7.40
CA ILE B 266 -24.10 -10.25 7.57
C ILE B 266 -23.97 -11.16 6.35
N THR B 267 -22.78 -11.71 6.16
CA THR B 267 -22.49 -12.61 5.06
C THR B 267 -21.51 -13.67 5.55
N THR B 268 -21.43 -14.77 4.80
CA THR B 268 -20.47 -15.83 5.07
C THR B 268 -19.23 -15.65 4.19
N TRP B 269 -18.06 -15.90 4.77
CA TRP B 269 -16.82 -15.76 4.04
C TRP B 269 -16.84 -16.61 2.76
N SER B 275 -17.68 -11.48 -3.01
CA SER B 275 -16.60 -10.60 -3.45
C SER B 275 -16.31 -9.54 -2.39
N ILE B 276 -15.22 -9.74 -1.64
CA ILE B 276 -14.89 -8.82 -0.56
C ILE B 276 -14.58 -7.43 -1.10
N GLU B 277 -13.84 -7.35 -2.21
CA GLU B 277 -13.43 -6.04 -2.72
C GLU B 277 -14.63 -5.24 -3.20
N SER B 278 -15.49 -5.84 -4.01
CA SER B 278 -16.66 -5.12 -4.49
C SER B 278 -17.60 -4.77 -3.34
N MET B 279 -17.78 -5.70 -2.40
CA MET B 279 -18.62 -5.44 -1.23
C MET B 279 -18.10 -4.26 -0.43
N ALA B 280 -16.78 -4.22 -0.20
CA ALA B 280 -16.18 -3.11 0.53
C ALA B 280 -16.34 -1.79 -0.24
N SER B 281 -16.05 -1.82 -1.53
CA SER B 281 -16.22 -0.63 -2.36
C SER B 281 -17.65 -0.13 -2.31
N PHE B 282 -18.62 -1.05 -2.19
CA PHE B 282 -20.02 -0.64 -2.12
C PHE B 282 -20.36 -0.04 -0.77
N LEU B 283 -20.10 -0.78 0.32
CA LEU B 283 -20.33 -0.25 1.65
C LEU B 283 -19.50 1.00 1.89
N ASN B 284 -18.33 1.09 1.26
CA ASN B 284 -17.48 2.28 1.34
C ASN B 284 -17.26 2.70 2.78
N SER B 285 -18.13 3.55 3.31
CA SER B 285 -18.01 4.04 4.67
C SER B 285 -18.72 3.16 5.69
N PHE B 286 -19.51 2.18 5.24
CA PHE B 286 -20.30 1.38 6.17
C PHE B 286 -19.56 0.10 6.56
N PRO B 287 -19.83 -0.42 7.75
CA PRO B 287 -19.09 -1.60 8.22
C PRO B 287 -19.51 -2.86 7.46
N MET B 288 -18.56 -3.79 7.37
CA MET B 288 -18.79 -5.08 6.73
C MET B 288 -18.79 -6.18 7.78
N PHE B 289 -19.82 -7.03 7.76
CA PHE B 289 -19.92 -8.17 8.65
C PHE B 289 -19.73 -9.45 7.84
N LYS B 290 -18.74 -10.26 8.23
CA LYS B 290 -18.52 -11.58 7.63
C LYS B 290 -18.52 -12.61 8.75
N ASP B 291 -19.23 -13.72 8.53
CA ASP B 291 -19.52 -14.68 9.59
C ASP B 291 -18.90 -16.03 9.31
N ASP B 292 -18.77 -16.84 10.37
CA ASP B 292 -18.33 -18.23 10.26
C ASP B 292 -16.99 -18.33 9.52
N THR B 293 -15.99 -17.65 10.09
CA THR B 293 -14.63 -17.75 9.57
C THR B 293 -14.17 -19.21 9.41
N ARG B 294 -14.74 -20.11 10.20
CA ARG B 294 -14.26 -21.50 10.18
C ARG B 294 -14.65 -22.23 8.90
N ASN B 295 -15.78 -21.87 8.28
CA ASN B 295 -16.39 -22.70 7.26
C ASN B 295 -15.59 -22.82 5.98
N THR B 296 -14.53 -22.01 5.81
CA THR B 296 -13.87 -21.87 4.52
C THR B 296 -12.38 -22.16 4.68
N HIS B 297 -11.69 -22.25 3.54
CA HIS B 297 -10.28 -22.61 3.56
C HIS B 297 -9.52 -21.49 4.26
N PRO B 298 -8.58 -21.81 5.17
CA PRO B 298 -7.79 -20.73 5.79
C PRO B 298 -6.95 -19.99 4.76
N LYS B 299 -6.67 -20.64 3.63
CA LYS B 299 -6.00 -19.99 2.51
C LYS B 299 -6.73 -18.73 2.06
N PHE B 300 -8.06 -18.80 2.03
CA PHE B 300 -8.86 -17.71 1.47
C PHE B 300 -8.93 -16.50 2.40
N VAL B 301 -9.15 -16.73 3.68
CA VAL B 301 -9.49 -15.65 4.61
C VAL B 301 -8.37 -14.63 4.75
N THR B 302 -7.24 -15.03 5.32
CA THR B 302 -6.17 -14.06 5.58
C THR B 302 -5.80 -13.29 4.32
N SER B 303 -5.85 -13.94 3.15
CA SER B 303 -5.63 -13.23 1.90
C SER B 303 -6.71 -12.19 1.65
N ALA B 304 -7.97 -12.54 1.89
CA ALA B 304 -9.05 -11.58 1.72
C ALA B 304 -8.87 -10.39 2.64
N THR B 305 -8.39 -10.63 3.86
CA THR B 305 -8.23 -9.55 4.83
C THR B 305 -7.08 -8.64 4.44
N TYR B 306 -5.95 -9.21 4.00
CA TYR B 306 -4.85 -8.37 3.53
C TYR B 306 -5.27 -7.56 2.31
N ASN B 307 -6.10 -8.13 1.44
CA ASN B 307 -6.61 -7.37 0.30
C ASN B 307 -7.52 -6.24 0.77
N PHE B 308 -8.42 -6.54 1.70
CA PHE B 308 -9.31 -5.53 2.26
C PHE B 308 -8.53 -4.36 2.84
N SER B 309 -7.42 -4.66 3.53
CA SER B 309 -6.66 -3.57 4.16
C SER B 309 -6.25 -2.50 3.15
N SER B 310 -6.06 -2.88 1.89
CA SER B 310 -5.80 -1.91 0.84
C SER B 310 -7.11 -1.42 0.23
N GLY B 311 -7.04 -0.29 -0.46
CA GLY B 311 -8.20 0.30 -1.12
C GLY B 311 -8.15 0.23 -2.63
N GLU B 312 -8.25 -0.96 -3.21
CA GLU B 312 -8.22 -1.10 -4.66
C GLU B 312 -9.07 -2.26 -5.14
N LYS B 326 -10.79 2.23 -10.89
CA LYS B 326 -10.51 1.88 -9.51
C LYS B 326 -11.30 2.71 -8.49
N LYS B 327 -12.08 1.98 -7.70
CA LYS B 327 -12.82 2.48 -6.54
C LYS B 327 -12.07 2.13 -5.27
N GLU B 328 -12.24 2.95 -4.23
CA GLU B 328 -11.55 2.70 -2.98
C GLU B 328 -12.52 2.96 -1.82
N TRP B 329 -12.24 2.29 -0.70
CA TRP B 329 -13.11 2.28 0.46
C TRP B 329 -12.31 2.52 1.73
N ARG B 330 -13.03 2.79 2.82
CA ARG B 330 -12.42 3.15 4.11
C ARG B 330 -13.43 2.80 5.22
N ASN B 331 -13.40 1.54 5.66
CA ASN B 331 -14.35 1.09 6.68
C ASN B 331 -13.74 -0.04 7.49
N ILE B 332 -14.54 -0.61 8.38
CA ILE B 332 -14.08 -1.64 9.31
C ILE B 332 -14.72 -2.98 8.93
N LEU B 333 -13.94 -4.05 9.02
CA LEU B 333 -14.41 -5.41 8.79
C LEU B 333 -14.57 -6.10 10.14
N ILE B 334 -15.78 -6.57 10.43
CA ILE B 334 -16.11 -7.20 11.71
C ILE B 334 -16.38 -8.67 11.44
N SER B 335 -15.63 -9.55 12.09
CA SER B 335 -15.63 -10.97 11.77
C SER B 335 -15.71 -11.82 13.03
N THR B 336 -15.88 -13.12 12.83
CA THR B 336 -15.98 -14.10 13.90
C THR B 336 -14.99 -15.24 13.66
N ARG B 354 -3.15 -5.67 10.68
CA ARG B 354 -3.81 -4.46 11.17
C ARG B 354 -5.16 -4.86 11.77
N VAL B 355 -5.11 -5.72 12.78
CA VAL B 355 -6.29 -6.39 13.32
C VAL B 355 -6.38 -6.15 14.81
N VAL B 356 -7.60 -5.87 15.28
CA VAL B 356 -7.93 -5.81 16.70
C VAL B 356 -8.70 -7.07 17.05
N THR B 357 -8.28 -7.73 18.12
CA THR B 357 -8.79 -9.07 18.44
C THR B 357 -9.52 -9.06 19.76
N LEU B 358 -10.46 -10.00 19.90
CA LEU B 358 -11.28 -10.14 21.10
C LEU B 358 -11.51 -11.63 21.32
N GLN B 359 -10.68 -12.26 22.16
CA GLN B 359 -10.72 -13.70 22.32
C GLN B 359 -11.41 -14.14 23.62
N ASP B 360 -11.49 -13.28 24.62
CA ASP B 360 -12.29 -13.58 25.80
C ASP B 360 -13.75 -13.78 25.41
N PRO B 361 -14.50 -14.55 26.19
CA PRO B 361 -15.95 -14.61 25.99
C PRO B 361 -16.67 -13.70 26.96
N PRO B 362 -17.62 -12.88 26.49
CA PRO B 362 -18.43 -12.10 27.44
C PRO B 362 -19.76 -12.76 27.77
N PHE B 369 -30.36 -14.87 25.99
CA PHE B 369 -29.94 -15.08 24.61
C PHE B 369 -31.14 -15.38 23.72
N THR B 370 -31.95 -16.36 24.12
CA THR B 370 -33.18 -16.64 23.38
C THR B 370 -34.11 -15.43 23.38
N THR B 371 -34.00 -14.59 24.42
CA THR B 371 -34.87 -13.44 24.61
C THR B 371 -34.32 -12.16 23.97
N LEU B 372 -33.06 -11.82 24.27
CA LEU B 372 -32.44 -10.65 23.65
C LEU B 372 -32.28 -10.80 22.15
N ASP B 373 -32.26 -12.05 21.66
CA ASP B 373 -32.28 -12.28 20.22
C ASP B 373 -33.58 -11.79 19.61
N LYS B 374 -34.73 -12.19 20.20
CA LYS B 374 -36.01 -11.66 19.76
C LYS B 374 -36.02 -10.13 19.87
N SER B 375 -35.41 -9.60 20.92
CA SER B 375 -35.39 -8.16 21.12
C SER B 375 -34.73 -7.46 19.93
N PHE B 376 -33.48 -7.81 19.62
CA PHE B 376 -32.80 -7.12 18.52
C PHE B 376 -33.23 -7.61 17.14
N ARG B 377 -34.00 -8.70 17.06
CA ARG B 377 -34.56 -9.08 15.77
C ARG B 377 -35.84 -8.31 15.45
N GLU B 378 -36.61 -7.93 16.48
CA GLU B 378 -37.77 -7.08 16.27
C GLU B 378 -37.42 -5.59 16.30
N ASN B 379 -36.34 -5.22 16.99
CA ASN B 379 -35.89 -3.83 17.08
C ASN B 379 -34.72 -3.67 16.10
N TYR B 380 -35.03 -3.28 14.88
CA TYR B 380 -34.02 -3.17 13.84
C TYR B 380 -33.12 -1.95 14.08
N GLY B 381 -32.38 -1.57 13.04
CA GLY B 381 -31.36 -0.53 13.12
C GLY B 381 -31.87 0.90 13.24
N THR B 382 -31.85 1.42 14.46
CA THR B 382 -32.08 2.83 14.72
C THR B 382 -30.90 3.52 15.36
N LEU B 383 -30.14 2.81 16.20
CA LEU B 383 -29.04 3.42 16.93
C LEU B 383 -27.96 3.95 15.98
N GLY B 384 -27.78 3.31 14.84
CA GLY B 384 -26.73 3.71 13.90
C GLY B 384 -26.86 5.13 13.35
N LEU B 385 -27.98 5.42 12.70
CA LEU B 385 -28.18 6.76 12.16
C LEU B 385 -28.27 7.81 13.27
N ALA B 386 -28.82 7.43 14.42
CA ALA B 386 -28.75 8.28 15.61
C ALA B 386 -27.30 8.64 15.92
N PHE B 387 -26.42 7.64 15.95
CA PHE B 387 -24.99 7.84 16.15
C PHE B 387 -24.42 8.80 15.11
N ILE B 388 -24.79 8.62 13.85
CA ILE B 388 -24.24 9.48 12.80
C ILE B 388 -24.63 10.93 13.05
N LYS B 389 -25.92 11.19 13.33
CA LYS B 389 -26.32 12.57 13.60
C LYS B 389 -25.66 13.11 14.86
N GLN B 390 -25.49 12.26 15.87
CA GLN B 390 -24.77 12.67 17.07
C GLN B 390 -23.40 13.21 16.70
N TYR B 391 -22.64 12.45 15.90
CA TYR B 391 -21.34 12.94 15.44
C TYR B 391 -21.49 14.26 14.70
N GLU B 392 -22.35 14.27 13.66
CA GLU B 392 -22.65 15.46 12.89
C GLU B 392 -22.75 16.69 13.79
N SER B 393 -23.38 16.54 14.95
CA SER B 393 -23.64 17.68 15.81
C SER B 393 -22.34 18.40 16.21
N LYS B 394 -21.40 17.70 16.80
CA LYS B 394 -20.15 18.32 17.25
C LYS B 394 -18.92 17.60 16.69
N LYS B 395 -18.92 17.44 15.36
CA LYS B 395 -17.74 17.05 14.61
C LYS B 395 -16.46 17.62 15.20
N ASP B 396 -16.24 18.93 15.07
CA ASP B 396 -14.93 19.51 15.41
C ASP B 396 -14.59 19.36 16.89
N VAL B 397 -15.52 18.90 17.73
CA VAL B 397 -15.17 18.50 19.08
C VAL B 397 -14.59 17.10 19.08
N TYR B 398 -15.33 16.15 18.49
CA TYR B 398 -14.86 14.78 18.43
C TYR B 398 -13.56 14.66 17.64
N LYS B 399 -13.33 15.56 16.70
CA LYS B 399 -12.13 15.50 15.87
C LYS B 399 -10.86 15.70 16.71
N ASN B 400 -10.82 16.77 17.51
CA ASN B 400 -9.68 16.97 18.41
C ASN B 400 -9.64 15.92 19.50
N ALA B 401 -10.80 15.43 19.97
CA ALA B 401 -10.76 14.36 20.96
C ALA B 401 -10.07 13.12 20.41
N PHE B 402 -10.39 12.74 19.17
CA PHE B 402 -9.71 11.61 18.56
C PHE B 402 -8.22 11.89 18.37
N GLU B 403 -7.88 13.11 17.92
CA GLU B 403 -6.46 13.44 17.78
C GLU B 403 -5.71 13.24 19.08
N SER B 404 -6.34 13.64 20.21
CA SER B 404 -5.74 13.41 21.51
C SER B 404 -5.54 11.93 21.77
N TYR B 405 -6.61 11.13 21.60
CA TYR B 405 -6.50 9.71 21.86
C TYR B 405 -5.44 9.06 20.97
N GLN B 406 -5.24 9.60 19.76
CA GLN B 406 -4.19 9.06 18.89
C GLN B 406 -2.83 9.32 19.49
N ARG B 407 -2.53 10.59 19.81
CA ARG B 407 -1.22 10.89 20.37
C ARG B 407 -0.95 10.07 21.63
N TYR B 408 -1.98 9.80 22.44
CA TYR B 408 -1.73 9.03 23.65
C TYR B 408 -1.57 7.55 23.36
N PHE B 409 -2.44 6.97 22.53
CA PHE B 409 -2.37 5.54 22.25
C PHE B 409 -1.14 5.18 21.42
N ASN B 410 -0.63 6.11 20.63
CA ASN B 410 0.61 5.89 19.89
C ASN B 410 1.83 5.86 20.81
N GLN B 411 1.66 6.08 22.11
CA GLN B 411 2.78 6.06 23.06
C GLN B 411 2.89 4.74 23.82
N LYS B 412 1.79 4.21 24.32
CA LYS B 412 1.83 3.08 25.24
C LYS B 412 2.63 1.91 24.69
N ASN B 415 4.92 -2.65 24.02
CA ASN B 415 4.66 -3.50 22.86
C ASN B 415 4.69 -2.64 21.59
N GLU B 416 5.32 -3.16 20.53
CA GLU B 416 5.53 -2.35 19.34
C GLU B 416 4.33 -2.41 18.40
N ILE B 417 3.75 -3.59 18.19
CA ILE B 417 2.69 -3.74 17.20
C ILE B 417 1.44 -2.99 17.65
N MET B 418 1.18 -2.95 18.96
CA MET B 418 -0.01 -2.28 19.45
C MET B 418 0.03 -0.77 19.24
N GLN B 419 1.22 -0.18 19.11
CA GLN B 419 1.31 1.24 18.82
C GLN B 419 1.00 1.54 17.36
N ARG B 420 1.27 0.60 16.45
CA ARG B 420 0.83 0.75 15.06
C ARG B 420 -0.68 0.81 14.96
N LEU B 421 -1.40 0.10 15.81
CA LEU B 421 -2.86 0.17 15.83
C LEU B 421 -3.36 1.33 16.69
N GLY B 422 -2.54 2.37 16.88
CA GLY B 422 -2.92 3.44 17.80
C GLY B 422 -4.13 4.21 17.31
N ARG B 423 -4.15 4.57 16.03
CA ARG B 423 -5.27 5.34 15.51
C ARG B 423 -6.57 4.55 15.58
N ALA B 424 -6.51 3.23 15.39
CA ALA B 424 -7.72 2.42 15.44
C ALA B 424 -8.32 2.39 16.84
N PHE B 425 -7.49 2.23 17.86
CA PHE B 425 -7.98 2.29 19.23
C PHE B 425 -8.50 3.68 19.57
N ALA B 426 -7.73 4.72 19.22
CA ALA B 426 -8.23 6.08 19.32
C ALA B 426 -9.64 6.21 18.74
N LEU B 427 -9.85 5.62 17.57
CA LEU B 427 -11.14 5.73 16.88
C LEU B 427 -12.23 5.01 17.65
N LEU B 428 -12.01 3.75 18.01
CA LEU B 428 -13.02 3.01 18.77
C LEU B 428 -13.34 3.73 20.08
N GLN B 429 -12.35 4.43 20.64
CA GLN B 429 -12.57 5.17 21.87
C GLN B 429 -13.43 6.39 21.65
N VAL B 430 -13.19 7.12 20.56
CA VAL B 430 -14.06 8.24 20.20
C VAL B 430 -15.45 7.73 19.87
N THR B 431 -15.57 6.52 19.32
CA THR B 431 -16.88 5.93 19.06
C THR B 431 -17.64 5.72 20.36
N GLY B 432 -16.98 5.13 21.35
CA GLY B 432 -17.63 4.97 22.65
C GLY B 432 -17.96 6.30 23.30
N GLU B 433 -17.07 7.27 23.18
CA GLU B 433 -17.31 8.60 23.73
C GLU B 433 -18.51 9.26 23.06
N VAL B 434 -18.70 9.01 21.77
CA VAL B 434 -19.88 9.52 21.07
C VAL B 434 -21.13 8.81 21.56
N LEU B 435 -21.05 7.48 21.69
CA LEU B 435 -22.22 6.70 22.09
C LEU B 435 -22.71 7.08 23.48
N ASN B 436 -21.78 7.38 24.39
CA ASN B 436 -22.19 7.73 25.75
C ASN B 436 -23.18 8.89 25.77
N ASP B 437 -23.01 9.85 24.84
CA ASP B 437 -23.82 11.06 24.83
C ASP B 437 -25.21 10.84 24.23
N ILE B 438 -25.47 9.69 23.61
CA ILE B 438 -26.82 9.41 23.13
C ILE B 438 -27.77 9.24 24.31
N ASP B 439 -29.06 9.45 24.04
CA ASP B 439 -30.05 9.63 25.10
C ASP B 439 -30.12 8.41 26.02
N GLY B 440 -30.57 7.28 25.51
CA GLY B 440 -30.81 6.13 26.35
C GLY B 440 -29.72 5.09 26.30
N PHE B 441 -28.50 5.51 25.97
CA PHE B 441 -27.39 4.60 25.70
C PHE B 441 -26.18 4.87 26.58
N GLU B 442 -26.42 5.29 27.82
CA GLU B 442 -25.32 5.51 28.76
C GLU B 442 -24.57 4.21 29.03
N HIS B 443 -23.26 4.32 29.14
CA HIS B 443 -22.41 3.17 29.49
C HIS B 443 -20.99 3.68 29.69
N ASP B 444 -20.14 2.79 30.19
CA ASP B 444 -18.74 3.11 30.50
C ASP B 444 -17.88 2.69 29.31
N HIS B 445 -17.41 3.67 28.52
CA HIS B 445 -16.59 3.35 27.36
C HIS B 445 -15.10 3.23 27.73
N PHE B 446 -14.61 4.06 28.66
CA PHE B 446 -13.20 3.96 29.05
C PHE B 446 -12.88 2.58 29.62
N LYS B 447 -13.77 2.04 30.44
CA LYS B 447 -13.49 0.74 31.03
C LYS B 447 -13.68 -0.36 30.00
N ILE B 448 -14.75 -0.28 29.20
CA ILE B 448 -14.97 -1.27 28.16
C ILE B 448 -13.75 -1.34 27.24
N ILE B 449 -13.13 -0.19 26.96
CA ILE B 449 -12.07 -0.10 25.97
C ILE B 449 -10.70 -0.47 26.54
N GLU B 450 -10.36 0.01 27.74
CA GLU B 450 -9.12 -0.43 28.37
C GLU B 450 -9.17 -1.92 28.68
N GLN B 451 -10.35 -2.42 29.05
CA GLN B 451 -10.52 -3.84 29.35
C GLN B 451 -10.07 -4.69 28.18
N ALA B 452 -10.50 -4.34 26.97
CA ALA B 452 -10.15 -5.14 25.80
C ALA B 452 -8.75 -4.84 25.27
N TYR B 453 -8.25 -3.61 25.44
CA TYR B 453 -6.84 -3.36 25.13
C TYR B 453 -5.94 -4.31 25.93
N ASP B 454 -6.14 -4.37 27.25
CA ASP B 454 -5.31 -5.23 28.08
C ASP B 454 -5.63 -6.69 27.84
N SER B 455 -6.89 -7.03 27.57
CA SER B 455 -7.23 -8.40 27.19
C SER B 455 -6.45 -8.82 25.94
N MET B 456 -6.26 -7.89 25.00
CA MET B 456 -5.52 -8.20 23.79
C MET B 456 -4.05 -8.42 24.10
N VAL B 457 -3.43 -7.47 24.80
CA VAL B 457 -1.99 -7.63 25.06
C VAL B 457 -1.73 -8.87 25.91
N LYS B 458 -2.72 -9.31 26.70
CA LYS B 458 -2.52 -10.50 27.52
C LYS B 458 -2.71 -11.77 26.70
N ASN B 459 -3.84 -11.92 26.02
CA ASN B 459 -4.20 -13.20 25.43
C ASN B 459 -3.63 -13.40 24.04
N ASN B 460 -3.41 -12.34 23.28
CA ASN B 460 -2.94 -12.51 21.91
C ASN B 460 -1.44 -12.78 21.88
N LYS B 461 -1.06 -13.87 21.23
CA LYS B 461 0.35 -14.25 21.18
C LYS B 461 1.09 -13.49 20.09
N THR B 462 0.44 -13.28 18.94
CA THR B 462 1.15 -12.79 17.77
C THR B 462 1.58 -11.34 17.89
N ILE B 463 1.11 -10.61 18.90
CA ILE B 463 1.61 -9.26 19.15
C ILE B 463 3.09 -9.32 19.50
N ASP B 464 3.53 -10.42 20.11
CA ASP B 464 4.88 -10.56 20.67
C ASP B 464 5.50 -11.81 20.04
N LYS B 465 5.76 -11.73 18.74
CA LYS B 465 6.41 -12.83 18.04
C LYS B 465 7.74 -13.22 18.68
N PRO B 466 8.60 -12.30 19.11
CA PRO B 466 9.88 -12.73 19.70
C PRO B 466 9.73 -13.62 20.91
N LYS B 467 8.82 -13.29 21.83
CA LYS B 467 8.56 -14.15 22.97
C LYS B 467 7.96 -15.48 22.50
N GLN B 468 6.97 -15.41 21.62
CA GLN B 468 6.37 -16.61 21.02
C GLN B 468 7.46 -17.56 20.57
N LEU B 469 8.24 -17.15 19.58
CA LEU B 469 9.32 -17.98 19.08
C LEU B 469 10.17 -18.52 20.22
N LEU B 470 10.59 -17.64 21.14
CA LEU B 470 11.46 -18.11 22.22
C LEU B 470 10.83 -19.27 22.95
N GLU B 471 9.58 -19.10 23.39
CA GLU B 471 8.92 -20.17 24.12
C GLU B 471 8.94 -21.46 23.31
N GLU B 472 8.62 -21.37 22.02
CA GLU B 472 8.60 -22.56 21.20
C GLU B 472 9.97 -23.24 21.25
N LEU B 473 11.03 -22.45 21.09
CA LEU B 473 12.37 -23.03 21.12
C LEU B 473 12.59 -23.74 22.44
N LEU B 474 12.26 -23.08 23.55
CA LEU B 474 12.44 -23.70 24.85
C LEU B 474 11.61 -24.98 24.92
N GLN B 475 10.34 -24.91 24.50
CA GLN B 475 9.51 -26.10 24.45
C GLN B 475 10.27 -27.22 23.75
N TYR B 476 10.83 -26.92 22.57
CA TYR B 476 11.58 -27.91 21.82
C TYR B 476 12.73 -28.47 22.65
N LEU B 477 13.56 -27.58 23.21
CA LEU B 477 14.68 -28.07 23.99
C LEU B 477 14.23 -28.88 25.19
N ASP B 478 13.05 -28.57 25.75
CA ASP B 478 12.59 -29.35 26.90
C ASP B 478 12.49 -30.83 26.55
N ALA B 479 12.26 -31.14 25.28
CA ALA B 479 12.06 -32.51 24.85
C ALA B 479 13.33 -33.15 24.30
N ASN B 480 14.44 -32.43 24.28
CA ASN B 480 15.69 -32.94 23.71
C ASN B 480 16.86 -32.68 24.64
N ARG B 481 16.72 -33.07 25.91
CA ARG B 481 17.80 -32.91 26.87
C ARG B 481 18.91 -33.95 26.67
N ASN B 482 18.62 -35.07 25.99
CA ASN B 482 19.70 -35.98 25.62
C ASN B 482 20.70 -35.32 24.69
N ASN B 483 20.43 -34.09 24.27
CA ASN B 483 21.35 -33.33 23.44
C ASN B 483 21.70 -32.00 24.08
N ILE B 484 21.46 -31.84 25.38
CA ILE B 484 21.89 -30.68 26.16
C ILE B 484 23.00 -31.12 27.09
N ALA B 485 24.08 -30.35 27.12
CA ALA B 485 25.17 -30.54 28.06
C ALA B 485 25.09 -29.50 29.16
N GLY B 486 25.95 -29.65 30.17
CA GLY B 486 26.13 -28.63 31.18
C GLY B 486 26.03 -29.18 32.59
N ASP B 487 25.82 -28.28 33.53
CA ASP B 487 25.80 -28.63 34.95
C ASP B 487 24.70 -29.66 35.23
N GLY B 488 25.12 -30.81 35.76
CA GLY B 488 24.20 -31.87 36.07
C GLY B 488 23.80 -32.73 34.90
N TYR B 489 24.32 -32.45 33.71
CA TYR B 489 23.93 -33.17 32.50
C TYR B 489 25.01 -34.16 32.09
N SER B 490 24.59 -35.34 31.67
CA SER B 490 25.48 -36.26 30.99
C SER B 490 25.99 -35.63 29.69
N SER B 491 27.27 -35.84 29.41
CA SER B 491 27.83 -35.36 28.15
C SER B 491 27.00 -35.88 26.98
N VAL B 492 26.85 -35.05 25.96
CA VAL B 492 26.10 -35.45 24.77
C VAL B 492 26.96 -36.42 23.96
N LYS B 493 26.55 -37.68 23.91
CA LYS B 493 27.32 -38.78 23.35
C LYS B 493 27.02 -39.03 21.89
N ASN B 494 25.76 -38.89 21.49
CA ASN B 494 25.34 -39.07 20.11
C ASN B 494 24.82 -37.77 19.54
N GLY B 495 25.21 -37.47 18.30
CA GLY B 495 24.61 -36.37 17.58
C GLY B 495 25.13 -35.01 18.01
N ASP B 496 24.23 -34.03 17.94
CA ASP B 496 24.60 -32.62 18.02
C ASP B 496 24.31 -32.05 19.40
N ILE B 497 24.95 -30.92 19.69
CA ILE B 497 24.80 -30.23 20.96
C ILE B 497 23.90 -29.02 20.73
N LYS B 498 22.80 -28.93 21.48
CA LYS B 498 21.80 -27.89 21.27
C LYS B 498 21.82 -26.78 22.31
N ALA B 499 22.33 -27.04 23.51
CA ALA B 499 22.44 -25.97 24.50
C ALA B 499 23.41 -26.40 25.58
N ILE B 500 23.90 -25.42 26.32
CA ILE B 500 24.74 -25.63 27.50
C ILE B 500 24.00 -25.03 28.68
N TYR B 501 23.63 -25.87 29.64
CA TYR B 501 22.93 -25.39 30.83
C TYR B 501 23.96 -24.95 31.87
N LYS B 502 23.98 -23.66 32.17
CA LYS B 502 24.62 -23.11 33.34
C LYS B 502 23.54 -22.66 34.31
N ARG B 503 23.90 -22.55 35.59
CA ARG B 503 22.91 -22.22 36.59
C ARG B 503 22.24 -20.89 36.25
N ASP B 504 23.06 -19.90 35.88
CA ASP B 504 22.55 -18.58 35.57
C ASP B 504 21.81 -18.51 34.25
N TYR B 505 21.97 -19.50 33.36
CA TYR B 505 21.42 -19.34 32.02
C TYR B 505 21.41 -20.65 31.26
N LEU B 506 20.68 -20.65 30.15
CA LEU B 506 20.75 -21.73 29.16
C LEU B 506 21.32 -21.11 27.88
N CYS B 507 22.51 -21.54 27.49
CA CYS B 507 23.17 -21.00 26.30
C CYS B 507 22.81 -21.88 25.11
N ILE B 508 21.83 -21.44 24.33
CA ILE B 508 21.38 -22.18 23.15
C ILE B 508 22.36 -21.92 22.02
N LEU B 509 22.95 -22.98 21.48
CA LEU B 509 24.00 -22.82 20.48
C LEU B 509 23.44 -22.12 19.25
N GLY B 510 24.31 -21.33 18.60
CA GLY B 510 23.89 -20.56 17.44
C GLY B 510 23.19 -21.38 16.38
N GLU B 511 23.67 -22.60 16.13
CA GLU B 511 23.12 -23.41 15.04
C GLU B 511 21.66 -23.76 15.30
N THR B 512 21.31 -24.07 16.56
CA THR B 512 19.93 -24.38 16.89
C THR B 512 19.03 -23.16 16.71
N VAL B 513 19.53 -21.98 17.09
CA VAL B 513 18.77 -20.76 16.89
C VAL B 513 18.58 -20.49 15.41
N LYS B 514 19.58 -20.81 14.58
CA LYS B 514 19.41 -20.66 13.15
C LYS B 514 18.35 -21.64 12.64
N GLU B 515 18.48 -22.91 13.00
CA GLU B 515 17.49 -23.91 12.58
C GLU B 515 16.07 -23.49 12.93
N LYS B 516 15.91 -22.67 13.98
CA LYS B 516 14.56 -22.20 14.31
C LYS B 516 14.16 -20.93 13.56
N LEU B 517 15.04 -19.92 13.51
CA LEU B 517 14.64 -18.61 13.02
C LEU B 517 14.94 -18.37 11.54
N THR B 518 15.90 -19.09 10.96
CA THR B 518 16.17 -19.06 9.53
C THR B 518 16.52 -17.62 9.15
N HIS B 519 15.76 -16.95 8.29
CA HIS B 519 16.08 -15.61 7.83
C HIS B 519 15.73 -14.53 8.84
N GLU B 520 14.92 -14.83 9.85
CA GLU B 520 14.50 -13.87 10.86
C GLU B 520 15.42 -13.85 12.08
N LEU B 521 16.58 -14.51 11.98
CA LEU B 521 17.47 -14.66 13.13
C LEU B 521 17.88 -13.31 13.70
N GLN B 522 18.45 -12.44 12.87
CA GLN B 522 18.96 -11.17 13.36
C GLN B 522 17.86 -10.35 14.03
N THR B 523 16.71 -10.21 13.37
CA THR B 523 15.68 -9.34 13.93
C THR B 523 15.14 -9.91 15.24
N ILE B 524 14.92 -11.23 15.31
CA ILE B 524 14.34 -11.78 16.53
C ILE B 524 15.35 -11.75 17.68
N THR B 525 16.61 -12.10 17.41
CA THR B 525 17.62 -12.00 18.47
C THR B 525 17.81 -10.57 18.92
N GLY B 526 17.75 -9.61 17.98
CA GLY B 526 17.77 -8.22 18.37
C GLY B 526 16.64 -7.87 19.31
N GLN B 527 15.43 -8.38 19.03
CA GLN B 527 14.32 -8.16 19.94
C GLN B 527 14.60 -8.80 21.30
N TRP B 528 15.13 -10.02 21.31
CA TRP B 528 15.46 -10.68 22.56
C TRP B 528 16.42 -9.84 23.40
N ASP B 529 17.40 -9.21 22.76
CA ASP B 529 18.33 -8.37 23.51
C ASP B 529 17.66 -7.08 23.97
N LYS B 530 17.04 -6.34 23.04
CA LYS B 530 16.29 -5.15 23.40
C LYS B 530 15.26 -5.46 24.47
N LYS B 531 14.78 -6.70 24.53
CA LYS B 531 13.85 -7.13 25.57
C LYS B 531 14.56 -7.59 26.84
N GLY B 532 15.88 -7.68 26.83
CA GLY B 532 16.62 -8.05 28.02
C GLY B 532 16.65 -9.53 28.34
N TYR B 533 16.52 -10.39 27.34
CA TYR B 533 16.46 -11.82 27.61
C TYR B 533 17.83 -12.45 27.81
N LEU B 534 18.90 -11.86 27.27
CA LEU B 534 20.15 -12.59 27.10
C LEU B 534 21.34 -11.89 27.75
N ILE B 535 22.31 -12.71 28.12
CA ILE B 535 23.58 -12.25 28.71
C ILE B 535 24.59 -12.14 27.57
N LYS B 536 24.82 -10.92 27.08
CA LYS B 536 25.65 -10.73 25.91
C LYS B 536 27.10 -11.15 26.18
N GLY B 537 27.88 -11.23 25.11
CA GLY B 537 29.28 -11.61 25.19
C GLY B 537 30.19 -10.42 25.39
N GLU B 538 31.49 -10.72 25.48
CA GLU B 538 32.48 -9.71 25.83
C GLU B 538 32.49 -8.57 24.81
N LYS B 539 32.62 -8.90 23.53
CA LYS B 539 32.86 -7.88 22.51
C LYS B 539 31.60 -7.21 22.00
N ASP B 540 30.62 -6.97 22.87
CA ASP B 540 29.34 -6.40 22.45
C ASP B 540 28.72 -7.23 21.33
N ARG B 541 28.75 -8.54 21.51
CA ARG B 541 28.17 -9.51 20.59
C ARG B 541 27.04 -10.25 21.29
N LEU B 542 25.97 -10.53 20.55
CA LEU B 542 24.80 -11.17 21.13
C LEU B 542 25.11 -12.56 21.65
N GLN B 543 26.01 -13.29 21.01
CA GLN B 543 26.32 -14.65 21.42
C GLN B 543 27.47 -14.64 22.41
N LYS B 544 27.24 -15.21 23.58
CA LYS B 544 28.24 -15.37 24.61
C LYS B 544 29.06 -16.63 24.38
N GLN B 545 30.33 -16.56 24.77
CA GLN B 545 31.16 -17.74 24.87
C GLN B 545 30.89 -18.40 26.23
N VAL B 546 30.47 -19.65 26.21
CA VAL B 546 30.10 -20.38 27.41
C VAL B 546 31.07 -21.54 27.57
N LYS B 547 31.62 -21.67 28.77
CA LYS B 547 32.59 -22.70 29.09
C LYS B 547 31.90 -23.74 29.93
N HIS B 548 32.04 -25.01 29.54
CA HIS B 548 31.58 -26.10 30.38
C HIS B 548 32.60 -27.22 30.31
N GLN B 549 32.84 -27.87 31.45
CA GLN B 549 34.01 -28.74 31.57
C GLN B 549 35.18 -27.92 31.02
N THR B 550 35.83 -28.40 29.96
CA THR B 550 36.96 -27.69 29.37
C THR B 550 36.68 -27.24 27.94
N VAL B 551 35.41 -27.18 27.52
CA VAL B 551 35.08 -26.86 26.14
C VAL B 551 34.35 -25.52 26.11
N LYS B 552 34.56 -24.78 25.03
CA LYS B 552 34.01 -23.45 24.82
C LYS B 552 33.05 -23.45 23.65
N TYR B 553 31.77 -23.27 23.94
CA TYR B 553 30.74 -23.12 22.93
C TYR B 553 30.38 -21.65 22.77
N ARG B 554 29.72 -21.32 21.65
CA ARG B 554 29.25 -19.96 21.40
C ARG B 554 27.75 -20.01 21.17
N GLY B 555 26.99 -19.35 22.05
CA GLY B 555 25.54 -19.38 21.89
C GLY B 555 24.85 -18.25 22.62
N PHE B 556 23.54 -18.18 22.44
CA PHE B 556 22.71 -17.16 23.06
C PHE B 556 22.36 -17.58 24.49
N ALA B 557 22.81 -16.80 25.46
CA ALA B 557 22.59 -17.11 26.87
C ALA B 557 21.26 -16.53 27.31
N ILE B 558 20.29 -17.41 27.60
CA ILE B 558 18.96 -17.01 28.05
C ILE B 558 18.95 -17.09 29.57
N LYS B 559 18.66 -15.96 30.23
CA LYS B 559 18.73 -15.90 31.68
C LYS B 559 17.71 -16.86 32.30
N GLN B 560 18.11 -17.52 33.40
CA GLN B 560 17.20 -18.40 34.11
C GLN B 560 15.86 -17.71 34.40
N GLU B 561 15.88 -16.40 34.63
CA GLU B 561 14.64 -15.69 34.94
C GLU B 561 13.64 -15.82 33.81
N VAL B 562 14.11 -15.70 32.56
CA VAL B 562 13.22 -15.83 31.41
C VAL B 562 12.71 -17.26 31.29
N LEU B 563 13.62 -18.23 31.41
CA LEU B 563 13.22 -19.63 31.41
C LEU B 563 12.06 -19.85 32.37
N LYS B 564 12.19 -19.40 33.61
CA LYS B 564 11.13 -19.64 34.59
C LYS B 564 9.86 -18.86 34.23
N GLU B 565 10.00 -17.59 33.83
CA GLU B 565 8.84 -16.80 33.43
C GLU B 565 8.02 -17.56 32.38
N LEU B 566 8.70 -18.18 31.42
CA LEU B 566 8.01 -18.89 30.35
C LEU B 566 7.60 -20.30 30.74
N GLY B 567 7.92 -20.73 31.96
CA GLY B 567 7.44 -22.00 32.48
C GLY B 567 8.39 -23.16 32.38
N PHE B 568 9.69 -22.91 32.28
CA PHE B 568 10.67 -23.96 32.06
C PHE B 568 11.68 -24.03 33.19
N ASP B 569 12.25 -25.22 33.34
CA ASP B 569 13.21 -25.52 34.41
C ASP B 569 14.18 -26.57 33.83
N PHE B 570 15.25 -26.09 33.22
CA PHE B 570 16.23 -26.93 32.55
C PHE B 570 17.25 -27.54 33.50
N SER B 571 17.01 -27.57 34.81
CA SER B 571 17.94 -28.24 35.70
C SER B 571 17.79 -29.75 35.52
N ASN B 572 18.92 -30.45 35.47
CA ASN B 572 18.93 -31.91 35.42
C ASN B 572 19.23 -32.51 36.79
N SER B 573 19.27 -31.69 37.83
CA SER B 573 19.59 -32.14 39.19
C SER B 573 18.33 -32.02 40.03
N TYR B 574 17.75 -33.15 40.38
CA TYR B 574 16.58 -33.21 41.24
C TYR B 574 16.53 -34.63 41.78
N ASN B 575 16.52 -34.79 43.09
CA ASN B 575 16.58 -36.13 43.64
C ASN B 575 15.48 -37.00 43.02
N PRO B 576 15.81 -38.21 42.56
CA PRO B 576 14.77 -39.08 41.98
C PRO B 576 13.61 -39.36 42.91
N ASN B 577 13.82 -39.31 44.24
CA ASN B 577 12.85 -39.85 45.19
C ASN B 577 11.55 -39.02 45.27
N SER B 578 11.45 -37.90 44.57
CA SER B 578 10.31 -37.01 44.73
C SER B 578 9.22 -37.23 43.69
#